data_1Y7O
#
_entry.id   1Y7O
#
_cell.length_a   105.650
_cell.length_b   105.650
_cell.length_c   236.192
_cell.angle_alpha   90.00
_cell.angle_beta   90.00
_cell.angle_gamma   120.00
#
_symmetry.space_group_name_H-M   'P 32 2 1'
#
loop_
_entity.id
_entity.type
_entity.pdbx_description
1 polymer 'ATP-dependent Clp protease proteolytic subunit'
2 non-polymer 'CALCIUM ION'
3 water water
#
_entity_poly.entity_id   1
_entity_poly.type   'polypeptide(L)'
_entity_poly.pdbx_seq_one_letter_code
;MGSSHHHHHHSSGLVPRGSHMIPVVIEQTSRGERSYDIYSRLLKDRII(MSE)LTGPVEDN(MSE)ANSVIAQLLFLDAQ
DSTKDIYLYVNTPGGSVSAGLAIVDT(MSE)NFIKADVQTIV(MSE)G(MSE)AAS(MSE)GTVIASSGAKGKRF(MSE)
LPNAEY(MSE)IHQP(MSE)GGTGGGTQQTDMAIAPEHLLKTRNTLEKILAENSGQS(MSE)EKVHADAERDNW(MSE)S
AQETLEYGFIDEI(MSE)ANNSLNGS
;
_entity_poly.pdbx_strand_id   A,B,C,D,E,F,G
#
# COMPACT_ATOMS: atom_id res chain seq x y z
N ILE A 22 5.74 11.54 1.21
CA ILE A 22 5.86 12.26 2.52
C ILE A 22 7.26 12.13 3.10
N PRO A 23 8.00 13.23 3.21
CA PRO A 23 9.43 13.18 3.54
C PRO A 23 9.71 12.77 4.98
N VAL A 24 10.93 12.32 5.21
CA VAL A 24 11.34 11.82 6.53
C VAL A 24 12.59 12.58 6.99
N VAL A 25 12.68 12.79 8.31
CA VAL A 25 13.85 13.40 8.93
C VAL A 25 14.40 12.45 9.99
N ILE A 26 15.69 12.57 10.31
CA ILE A 26 16.34 11.68 11.30
C ILE A 26 16.95 12.47 12.47
N GLU A 27 16.73 11.97 13.70
CA GLU A 27 17.37 12.53 14.92
C GLU A 27 17.97 11.42 15.82
N SER A 35 13.99 9.19 14.26
CA SER A 35 13.53 9.41 12.88
C SER A 35 11.98 9.52 12.72
N TYR A 36 11.50 10.63 12.18
CA TYR A 36 10.05 10.84 11.96
C TYR A 36 9.70 11.37 10.58
N ASP A 37 8.48 11.05 10.14
CA ASP A 37 7.84 11.74 9.04
C ASP A 37 7.59 13.22 9.42
N ILE A 38 7.59 14.10 8.42
CA ILE A 38 7.68 15.53 8.66
C ILE A 38 6.53 16.04 9.52
N TYR A 39 5.37 15.42 9.41
CA TYR A 39 4.21 15.82 10.22
C TYR A 39 4.36 15.40 11.67
N SER A 40 4.95 14.22 11.89
CA SER A 40 5.22 13.76 13.24
C SER A 40 6.31 14.60 13.89
N ARG A 41 7.22 15.13 13.08
CA ARG A 41 8.26 15.99 13.59
C ARG A 41 7.65 17.28 14.08
N LEU A 42 6.81 17.86 13.24
CA LEU A 42 6.05 19.04 13.61
C LEU A 42 5.22 18.81 14.86
N LEU A 43 4.71 17.58 15.06
CA LEU A 43 3.91 17.27 16.25
C LEU A 43 4.74 17.39 17.54
N LYS A 44 6.01 17.03 17.47
CA LYS A 44 6.95 17.27 18.56
C LYS A 44 7.07 18.73 19.02
N ASP A 45 6.85 19.70 18.12
CA ASP A 45 6.84 21.14 18.49
C ASP A 45 5.39 21.64 18.65
N ARG A 46 4.47 20.72 18.95
CA ARG A 46 3.08 21.01 19.23
C ARG A 46 2.31 21.65 18.07
N ILE A 47 2.73 21.32 16.87
CA ILE A 47 2.07 21.76 15.65
C ILE A 47 1.23 20.63 15.08
N ILE A 48 -0.06 20.91 14.88
CA ILE A 48 -1.01 20.04 14.21
C ILE A 48 -1.48 20.68 12.91
N LEU A 50 -4.43 20.79 10.13
CA LEU A 50 -5.83 20.51 9.76
C LEU A 50 -5.98 20.99 8.31
N THR A 51 -5.93 20.07 7.35
CA THR A 51 -6.18 20.41 5.94
C THR A 51 -7.07 19.44 5.19
N GLY A 52 -7.70 19.93 4.13
CA GLY A 52 -8.70 19.16 3.41
C GLY A 52 -10.08 19.26 4.04
N PRO A 53 -11.03 18.54 3.46
CA PRO A 53 -12.40 18.51 4.00
C PRO A 53 -12.43 17.98 5.43
N VAL A 54 -13.25 18.64 6.25
CA VAL A 54 -13.57 18.22 7.59
C VAL A 54 -14.46 16.97 7.49
N GLU A 55 -14.01 15.88 8.05
CA GLU A 55 -14.81 14.66 8.12
C GLU A 55 -14.33 13.81 9.30
N ASP A 56 -15.08 12.77 9.65
CA ASP A 56 -14.80 12.00 10.86
C ASP A 56 -13.34 11.48 11.00
N ASN A 57 -12.75 10.91 9.97
CA ASN A 57 -11.42 10.31 10.13
C ASN A 57 -10.30 11.32 10.36
N ALA A 59 -10.75 14.38 11.44
CA ALA A 59 -11.11 15.05 12.70
C ALA A 59 -10.71 14.25 13.92
N ASN A 60 -10.80 12.95 13.80
CA ASN A 60 -10.45 12.02 14.87
C ASN A 60 -8.94 12.03 15.12
N SER A 61 -8.16 12.18 14.05
CA SER A 61 -6.71 12.29 14.16
C SER A 61 -6.28 13.65 14.77
N VAL A 62 -6.95 14.73 14.36
CA VAL A 62 -6.69 16.07 14.91
C VAL A 62 -7.05 16.11 16.40
N ILE A 63 -8.15 15.47 16.76
CA ILE A 63 -8.60 15.38 18.15
C ILE A 63 -7.68 14.45 18.97
N ALA A 64 -7.22 13.35 18.37
CA ALA A 64 -6.27 12.48 19.04
C ALA A 64 -5.05 13.31 19.43
N GLN A 65 -4.66 14.19 18.52
CA GLN A 65 -3.44 14.96 18.61
C GLN A 65 -3.51 16.06 19.66
N LEU A 66 -4.64 16.74 19.71
CA LEU A 66 -4.92 17.73 20.75
C LEU A 66 -4.94 17.07 22.14
N LEU A 67 -5.74 16.01 22.30
CA LEU A 67 -5.84 15.30 23.57
C LEU A 67 -4.46 14.91 24.10
N PHE A 68 -3.60 14.52 23.18
CA PHE A 68 -2.28 14.00 23.52
C PHE A 68 -1.37 15.15 23.95
N LEU A 69 -1.25 16.16 23.11
CA LEU A 69 -0.43 17.32 23.43
C LEU A 69 -0.82 17.95 24.76
N ASP A 70 -2.11 18.04 25.04
CA ASP A 70 -2.55 18.69 26.26
C ASP A 70 -2.25 17.82 27.48
N ALA A 71 -2.42 16.51 27.36
CA ALA A 71 -1.97 15.61 28.43
C ALA A 71 -0.48 15.80 28.73
N GLN A 72 0.30 16.06 27.70
CA GLN A 72 1.74 16.19 27.83
C GLN A 72 2.15 17.43 28.62
N ASP A 73 1.37 18.51 28.46
CA ASP A 73 1.70 19.80 29.03
C ASP A 73 0.58 20.76 28.69
N SER A 74 -0.29 21.06 29.65
CA SER A 74 -1.32 22.07 29.49
C SER A 74 -0.72 23.46 29.40
N THR A 75 0.49 23.66 29.93
CA THR A 75 1.04 25.02 30.05
C THR A 75 1.65 25.55 28.75
N LYS A 76 1.98 24.68 27.80
CA LYS A 76 2.45 25.08 26.48
C LYS A 76 1.27 25.14 25.47
N ASP A 77 1.31 26.11 24.57
CA ASP A 77 0.28 26.25 23.56
C ASP A 77 0.40 25.21 22.45
N ILE A 78 -0.67 25.09 21.67
CA ILE A 78 -0.71 24.18 20.52
C ILE A 78 -0.92 25.03 19.28
N TYR A 79 -0.27 24.67 18.18
CA TYR A 79 -0.40 25.42 16.94
C TYR A 79 -1.17 24.58 15.94
N LEU A 80 -2.40 24.97 15.71
CA LEU A 80 -3.24 24.29 14.75
C LEU A 80 -3.21 25.09 13.46
N TYR A 81 -2.53 24.58 12.42
CA TYR A 81 -2.61 25.19 11.10
C TYR A 81 -3.87 24.73 10.41
N VAL A 82 -4.61 25.68 9.82
CA VAL A 82 -5.93 25.44 9.24
C VAL A 82 -5.97 25.86 7.78
N ASN A 83 -6.16 24.89 6.89
CA ASN A 83 -6.45 25.14 5.48
C ASN A 83 -7.54 24.18 5.06
N THR A 84 -8.79 24.64 5.01
CA THR A 84 -9.88 23.69 4.75
C THR A 84 -11.08 24.35 4.10
N PRO A 85 -11.77 23.62 3.21
CA PRO A 85 -13.02 24.12 2.62
C PRO A 85 -14.25 23.94 3.50
N GLY A 86 -14.10 23.30 4.65
CA GLY A 86 -15.21 23.03 5.55
C GLY A 86 -15.60 21.60 5.41
N GLY A 87 -16.81 21.25 5.85
CA GLY A 87 -17.26 19.87 5.76
C GLY A 87 -18.28 19.48 6.80
N SER A 88 -18.11 18.29 7.35
CA SER A 88 -19.07 17.79 8.32
C SER A 88 -19.20 18.75 9.52
N VAL A 89 -20.45 19.04 9.86
CA VAL A 89 -20.79 19.89 11.01
C VAL A 89 -20.47 19.18 12.34
N SER A 90 -20.87 17.94 12.47
CA SER A 90 -20.58 17.16 13.67
C SER A 90 -19.04 16.94 13.87
N ALA A 91 -18.33 16.62 12.79
CA ALA A 91 -16.88 16.43 12.89
C ALA A 91 -16.14 17.68 13.34
N GLY A 92 -16.53 18.83 12.79
CA GLY A 92 -15.90 20.10 13.12
C GLY A 92 -16.22 20.56 14.52
N LEU A 93 -17.45 20.35 14.97
CA LEU A 93 -17.85 20.68 16.34
C LEU A 93 -17.20 19.76 17.38
N ALA A 94 -16.76 18.57 16.97
CA ALA A 94 -16.00 17.70 17.88
C ALA A 94 -14.58 18.26 18.02
N ILE A 95 -14.13 18.98 16.99
CA ILE A 95 -12.83 19.63 17.05
C ILE A 95 -12.92 20.91 17.91
N VAL A 96 -13.94 21.73 17.66
CA VAL A 96 -14.18 22.92 18.48
C VAL A 96 -14.34 22.54 19.97
N ASP A 97 -15.23 21.60 20.26
CA ASP A 97 -15.44 21.22 21.66
C ASP A 97 -14.18 20.73 22.36
N THR A 98 -13.32 20.04 21.62
CA THR A 98 -12.08 19.51 22.17
C THR A 98 -11.08 20.64 22.45
N ASN A 100 -11.63 23.71 23.10
CA ASN A 100 -12.10 24.43 24.28
C ASN A 100 -11.92 23.63 25.55
N PHE A 101 -12.21 22.33 25.50
CA PHE A 101 -12.24 21.52 26.70
C PHE A 101 -10.87 21.41 27.34
N ILE A 102 -9.86 21.14 26.52
CA ILE A 102 -8.47 21.08 26.98
C ILE A 102 -8.00 22.42 27.56
N LYS A 103 -7.24 22.37 28.65
CA LYS A 103 -6.79 23.57 29.34
C LYS A 103 -5.90 24.39 28.41
N ALA A 104 -5.01 23.70 27.69
CA ALA A 104 -4.01 24.32 26.80
C ALA A 104 -4.65 25.26 25.77
N ASP A 105 -4.02 26.40 25.52
CA ASP A 105 -4.48 27.33 24.50
C ASP A 105 -4.14 26.74 23.13
N VAL A 106 -5.13 26.72 22.25
CA VAL A 106 -4.94 26.33 20.86
C VAL A 106 -4.94 27.58 20.00
N GLN A 107 -3.79 27.88 19.40
CA GLN A 107 -3.68 28.94 18.42
C GLN A 107 -4.07 28.38 17.05
N THR A 108 -4.80 29.17 16.27
CA THR A 108 -5.17 28.78 14.92
C THR A 108 -4.45 29.69 13.91
N ILE A 109 -3.88 29.07 12.88
CA ILE A 109 -3.26 29.81 11.78
C ILE A 109 -3.94 29.40 10.49
N VAL A 110 -4.85 30.24 9.99
CA VAL A 110 -5.42 30.04 8.66
C VAL A 110 -4.35 30.25 7.55
N GLY A 112 -4.02 29.55 3.11
CA GLY A 112 -4.77 29.19 1.93
C GLY A 112 -6.20 29.65 2.06
N ALA A 114 -10.07 29.19 4.73
CA ALA A 114 -10.95 28.59 5.70
C ALA A 114 -12.39 28.95 5.30
N ALA A 115 -13.22 27.94 5.13
CA ALA A 115 -14.62 28.17 4.76
C ALA A 115 -15.52 27.26 5.58
N SER A 116 -16.78 27.69 5.75
CA SER A 116 -17.80 26.82 6.30
C SER A 116 -17.30 26.48 7.71
N GLY A 118 -14.45 25.40 8.77
CA GLY A 118 -13.13 25.97 8.94
C GLY A 118 -13.07 27.29 9.69
N THR A 119 -14.12 28.11 9.56
CA THR A 119 -14.19 29.40 10.26
C THR A 119 -14.67 29.27 11.71
N VAL A 120 -15.63 28.39 11.95
CA VAL A 120 -16.05 28.11 13.32
C VAL A 120 -14.85 27.58 14.09
N ILE A 121 -14.13 26.64 13.47
CA ILE A 121 -12.95 26.05 14.07
C ILE A 121 -11.83 27.07 14.29
N ALA A 122 -11.37 27.71 13.24
CA ALA A 122 -10.24 28.66 13.34
C ALA A 122 -10.51 29.81 14.33
N SER A 123 -11.72 30.36 14.27
CA SER A 123 -12.10 31.50 15.07
C SER A 123 -12.43 31.09 16.49
N SER A 124 -12.47 29.79 16.74
CA SER A 124 -12.66 29.24 18.10
C SER A 124 -11.31 29.06 18.82
N GLY A 125 -10.23 29.60 18.25
CA GLY A 125 -8.91 29.58 18.87
C GLY A 125 -8.84 30.48 20.09
N ALA A 126 -7.79 30.28 20.88
CA ALA A 126 -7.54 31.12 22.05
C ALA A 126 -7.53 32.58 21.61
N LYS A 127 -8.42 33.38 22.18
CA LYS A 127 -8.50 34.81 21.82
C LYS A 127 -7.17 35.50 22.08
N GLY A 128 -6.70 36.25 21.10
CA GLY A 128 -5.39 36.85 21.13
C GLY A 128 -4.40 36.06 20.29
N LYS A 129 -4.80 34.84 19.93
CA LYS A 129 -3.87 33.89 19.32
C LYS A 129 -4.45 33.24 18.06
N ARG A 130 -5.12 34.03 17.25
CA ARG A 130 -5.75 33.55 16.03
C ARG A 130 -5.18 34.31 14.86
N PHE A 131 -4.39 33.64 14.03
CA PHE A 131 -3.67 34.32 12.97
C PHE A 131 -4.20 33.96 11.60
N LEU A 133 -2.57 34.07 7.38
CA LEU A 133 -1.61 34.50 6.35
C LEU A 133 -2.25 35.58 5.40
N PRO A 134 -1.41 36.47 4.86
CA PRO A 134 -1.88 37.68 4.18
C PRO A 134 -2.76 37.51 2.93
N ASN A 135 -2.50 36.44 2.16
CA ASN A 135 -3.25 36.13 0.95
C ASN A 135 -4.29 35.02 1.10
N ALA A 136 -4.50 34.56 2.33
CA ALA A 136 -5.55 33.59 2.61
C ALA A 136 -6.94 34.21 2.40
N GLU A 137 -7.98 33.39 2.35
CA GLU A 137 -9.35 33.89 2.24
C GLU A 137 -10.23 33.20 3.25
N TYR A 138 -11.35 33.83 3.57
CA TYR A 138 -12.22 33.41 4.69
C TYR A 138 -13.66 33.52 4.25
N ILE A 140 -17.57 32.69 5.86
CA ILE A 140 -18.36 32.23 6.99
C ILE A 140 -19.73 31.67 6.63
N HIS A 141 -20.08 31.61 5.35
CA HIS A 141 -21.35 30.97 4.97
C HIS A 141 -21.33 29.49 5.39
N GLN A 142 -22.48 28.97 5.80
CA GLN A 142 -22.61 27.57 6.27
C GLN A 142 -23.62 26.71 5.44
N PRO A 143 -23.12 25.97 4.45
CA PRO A 143 -23.92 25.02 3.67
C PRO A 143 -24.66 23.92 4.45
N ALA A 159 -33.34 16.38 7.82
CA ALA A 159 -34.39 16.93 8.69
C ALA A 159 -34.29 18.46 8.78
N PRO A 160 -35.26 19.19 8.21
CA PRO A 160 -35.12 20.63 7.97
C PRO A 160 -35.17 21.49 9.22
N GLU A 161 -35.94 21.07 10.21
CA GLU A 161 -36.11 21.87 11.43
C GLU A 161 -34.80 21.77 12.20
N HIS A 162 -34.15 20.62 12.08
CA HIS A 162 -32.84 20.42 12.69
C HIS A 162 -31.77 21.25 12.00
N LEU A 163 -31.80 21.33 10.67
CA LEU A 163 -30.79 22.09 9.94
C LEU A 163 -30.75 23.53 10.43
N LEU A 164 -31.94 24.07 10.73
CA LEU A 164 -32.05 25.45 11.20
C LEU A 164 -31.47 25.61 12.59
N LYS A 165 -31.69 24.62 13.45
CA LYS A 165 -31.15 24.62 14.80
C LYS A 165 -29.63 24.74 14.73
N THR A 166 -29.01 23.93 13.91
CA THR A 166 -27.55 23.92 13.82
C THR A 166 -26.98 25.18 13.15
N ARG A 167 -27.71 25.80 12.22
CA ARG A 167 -27.20 27.06 11.66
C ARG A 167 -27.22 28.15 12.71
N ASN A 168 -28.24 28.16 13.56
CA ASN A 168 -28.33 29.14 14.61
C ASN A 168 -27.14 28.98 15.51
N THR A 169 -26.80 27.72 15.81
CA THR A 169 -25.74 27.41 16.75
C THR A 169 -24.43 27.93 16.20
N LEU A 170 -24.15 27.55 14.95
CA LEU A 170 -22.90 27.89 14.31
C LEU A 170 -22.75 29.39 14.21
N GLU A 171 -23.86 30.10 14.00
CA GLU A 171 -23.82 31.55 13.89
C GLU A 171 -23.63 32.20 15.26
N LYS A 172 -24.21 31.61 16.30
CA LYS A 172 -24.00 32.03 17.68
C LYS A 172 -22.53 31.86 18.11
N ILE A 173 -21.81 30.89 17.52
CA ILE A 173 -20.40 30.66 17.84
C ILE A 173 -19.53 31.67 17.11
N LEU A 174 -19.87 31.92 15.85
CA LEU A 174 -19.18 32.96 15.09
C LEU A 174 -19.39 34.32 15.77
N ALA A 175 -20.59 34.52 16.30
CA ALA A 175 -21.00 35.77 16.94
C ALA A 175 -20.16 36.02 18.20
N GLU A 176 -20.16 35.02 19.08
CA GLU A 176 -19.35 34.99 20.29
C GLU A 176 -17.88 35.23 19.95
N ASN A 177 -17.37 34.50 18.96
CA ASN A 177 -15.93 34.50 18.68
C ASN A 177 -15.46 35.84 18.10
N SER A 178 -16.32 36.54 17.38
CA SER A 178 -15.97 37.78 16.69
C SER A 178 -16.33 39.06 17.47
N GLY A 179 -17.15 38.94 18.52
CA GLY A 179 -17.70 40.11 19.20
C GLY A 179 -18.90 40.77 18.52
N GLN A 180 -19.43 40.17 17.47
CA GLN A 180 -20.54 40.76 16.71
C GLN A 180 -21.86 40.13 17.12
N SER A 181 -22.95 40.82 16.80
CA SER A 181 -24.28 40.31 17.08
C SER A 181 -24.59 39.18 16.11
N GLU A 183 -27.38 38.85 14.65
CA GLU A 183 -28.06 39.57 13.55
C GLU A 183 -27.10 40.01 12.45
N LYS A 184 -25.94 40.53 12.86
CA LYS A 184 -24.89 40.95 11.93
C LYS A 184 -24.23 39.74 11.25
N VAL A 185 -24.09 38.63 11.97
CA VAL A 185 -23.46 37.43 11.41
C VAL A 185 -24.40 36.64 10.51
N HIS A 186 -25.70 36.68 10.82
CA HIS A 186 -26.69 35.93 10.05
C HIS A 186 -26.81 36.56 8.67
N ALA A 187 -26.82 37.88 8.62
CA ALA A 187 -26.93 38.62 7.36
C ALA A 187 -25.66 38.51 6.53
N ASP A 188 -24.50 38.62 7.16
CA ASP A 188 -23.21 38.49 6.48
C ASP A 188 -22.95 37.06 5.93
N ALA A 189 -23.48 36.04 6.61
CA ALA A 189 -23.24 34.65 6.23
C ALA A 189 -24.27 34.18 5.19
N GLU A 190 -25.39 34.87 5.09
CA GLU A 190 -26.42 34.65 4.06
C GLU A 190 -25.84 34.98 2.70
N ARG A 191 -24.97 36.00 2.68
CA ARG A 191 -24.29 36.41 1.46
C ARG A 191 -23.08 35.49 1.19
N ASP A 192 -22.59 35.51 -0.04
CA ASP A 192 -21.44 34.67 -0.43
C ASP A 192 -20.18 35.51 -0.55
N ASN A 193 -19.67 35.87 0.62
CA ASN A 193 -18.73 36.96 0.81
C ASN A 193 -17.39 36.35 1.26
N TRP A 194 -16.47 36.17 0.31
CA TRP A 194 -15.09 35.83 0.63
C TRP A 194 -14.43 37.05 1.25
N SER A 196 -10.87 39.02 2.70
CA SER A 196 -9.41 39.06 2.76
C SER A 196 -9.00 38.91 4.21
N ALA A 197 -7.71 38.85 4.47
CA ALA A 197 -7.20 38.79 5.83
C ALA A 197 -7.56 40.07 6.60
N GLN A 198 -7.42 41.21 5.95
CA GLN A 198 -7.76 42.50 6.55
C GLN A 198 -9.24 42.59 6.91
N GLU A 199 -10.12 42.16 6.03
CA GLU A 199 -11.55 42.11 6.34
C GLU A 199 -11.87 41.20 7.52
N THR A 200 -11.17 40.07 7.63
CA THR A 200 -11.36 39.09 8.70
C THR A 200 -10.85 39.67 10.02
N LEU A 201 -9.77 40.43 9.93
CA LEU A 201 -9.22 41.13 11.09
C LEU A 201 -10.25 42.15 11.58
N GLU A 202 -10.78 42.95 10.66
CA GLU A 202 -11.78 43.96 10.98
C GLU A 202 -13.06 43.35 11.54
N TYR A 203 -13.48 42.23 10.99
CA TYR A 203 -14.73 41.61 11.42
C TYR A 203 -14.66 41.07 12.86
N GLY A 204 -13.47 40.65 13.29
CA GLY A 204 -13.26 40.10 14.63
C GLY A 204 -12.86 38.64 14.71
N PHE A 205 -12.76 37.94 13.58
CA PHE A 205 -12.48 36.51 13.60
C PHE A 205 -11.02 36.15 13.79
N ILE A 206 -10.09 37.05 13.47
CA ILE A 206 -8.68 36.85 13.82
C ILE A 206 -8.15 38.03 14.60
N ASP A 207 -6.97 37.84 15.19
CA ASP A 207 -6.29 38.86 16.00
C ASP A 207 -5.05 39.49 15.34
N GLU A 208 -4.47 38.78 14.38
CA GLU A 208 -3.26 39.27 13.71
C GLU A 208 -3.07 38.64 12.34
N ILE A 209 -2.62 39.47 11.40
CA ILE A 209 -2.21 38.99 10.09
C ILE A 209 -0.72 38.74 10.19
N ALA A 211 3.24 38.32 9.37
CA ALA A 211 4.15 39.26 8.71
C ALA A 211 4.64 38.79 7.34
N ASN A 212 4.90 39.78 6.48
CA ASN A 212 5.69 39.58 5.25
C ASN A 212 7.17 39.97 5.51
N ASN A 213 8.02 38.93 5.63
CA ASN A 213 9.45 39.09 5.96
C ASN A 213 10.37 39.09 4.73
N MET B 21 -3.58 8.87 6.98
CA MET B 21 -2.20 9.48 6.95
C MET B 21 -1.50 9.36 8.32
N ILE B 22 -2.09 9.98 9.34
CA ILE B 22 -1.93 9.69 10.78
C ILE B 22 -0.53 9.53 11.41
N PRO B 23 -0.14 10.50 12.26
CA PRO B 23 1.22 10.58 12.79
C PRO B 23 1.61 9.70 13.98
N VAL B 24 2.90 9.81 14.31
CA VAL B 24 3.67 8.88 15.14
C VAL B 24 4.29 9.65 16.32
N VAL B 25 4.64 8.94 17.38
CA VAL B 25 5.15 9.50 18.62
C VAL B 25 6.11 8.51 19.28
N ILE B 26 7.10 9.02 20.01
CA ILE B 26 8.01 8.15 20.78
C ILE B 26 7.75 8.16 22.31
N GLU B 27 8.01 7.03 22.96
CA GLU B 27 7.96 6.91 24.42
C GLU B 27 9.26 6.19 24.87
N GLN B 28 9.61 6.27 26.16
CA GLN B 28 10.90 5.78 26.68
C GLN B 28 10.81 4.39 27.37
N THR B 29 11.82 3.53 27.10
CA THR B 29 12.18 2.34 27.92
C THR B 29 13.60 1.89 27.58
N GLU B 33 12.56 3.74 23.76
CA GLU B 33 13.02 4.00 22.40
C GLU B 33 12.10 3.30 21.37
N ARG B 34 10.86 3.77 21.27
CA ARG B 34 9.84 3.07 20.48
C ARG B 34 8.78 3.96 19.81
N SER B 35 8.51 3.67 18.54
CA SER B 35 7.49 4.36 17.76
C SER B 35 6.06 3.83 18.08
N TYR B 36 5.10 4.73 18.27
CA TYR B 36 3.68 4.40 18.45
C TYR B 36 2.86 5.34 17.57
N ASP B 37 1.90 4.82 16.82
CA ASP B 37 1.04 5.72 16.06
C ASP B 37 0.19 6.46 17.11
N ILE B 38 -0.39 7.61 16.80
CA ILE B 38 -0.97 8.47 17.84
C ILE B 38 -2.03 7.73 18.65
N TYR B 39 -2.81 6.90 17.98
CA TYR B 39 -3.84 6.07 18.61
C TYR B 39 -3.29 5.03 19.62
N SER B 40 -2.23 4.31 19.25
CA SER B 40 -1.57 3.39 20.18
C SER B 40 -0.90 4.14 21.31
N ARG B 41 -0.45 5.37 21.08
CA ARG B 41 0.10 6.14 22.19
C ARG B 41 -1.05 6.42 23.16
N LEU B 42 -2.21 6.82 22.65
CA LEU B 42 -3.40 7.04 23.49
C LEU B 42 -3.90 5.77 24.17
N LEU B 43 -3.72 4.61 23.51
CA LEU B 43 -4.02 3.29 24.10
C LEU B 43 -3.23 3.01 25.39
N LYS B 44 -1.99 3.48 25.45
CA LYS B 44 -1.21 3.38 26.68
C LYS B 44 -1.87 4.08 27.88
N ASP B 45 -2.63 5.15 27.59
CA ASP B 45 -3.50 5.82 28.58
C ASP B 45 -4.93 5.22 28.62
N ARG B 46 -5.09 4.02 28.05
CA ARG B 46 -6.39 3.33 27.97
C ARG B 46 -7.51 4.08 27.24
N ILE B 47 -7.14 4.89 26.25
CA ILE B 47 -8.12 5.60 25.43
C ILE B 47 -8.30 4.86 24.12
N ILE B 48 -9.53 4.51 23.80
CA ILE B 48 -9.91 4.01 22.50
C ILE B 48 -10.78 5.06 21.81
N LEU B 50 -13.50 5.55 18.83
CA LEU B 50 -14.49 4.85 18.02
C LEU B 50 -15.16 5.92 17.15
N THR B 51 -14.95 5.82 15.83
CA THR B 51 -15.37 6.87 14.93
C THR B 51 -15.89 6.34 13.60
N GLY B 52 -16.88 7.01 13.04
CA GLY B 52 -17.47 6.61 11.78
C GLY B 52 -18.59 5.62 11.94
N PRO B 53 -19.12 5.12 10.83
CA PRO B 53 -20.21 4.11 10.86
C PRO B 53 -19.82 2.84 11.61
N VAL B 54 -20.68 2.36 12.49
CA VAL B 54 -20.46 1.05 13.11
C VAL B 54 -20.57 -0.05 12.04
N GLU B 55 -19.45 -0.64 11.69
CA GLU B 55 -19.41 -1.86 10.87
C GLU B 55 -18.34 -2.78 11.43
N ASP B 56 -18.29 -4.00 10.90
CA ASP B 56 -17.49 -5.07 11.48
C ASP B 56 -15.98 -4.80 11.62
N ASN B 57 -15.40 -4.07 10.68
CA ASN B 57 -13.95 -3.83 10.71
C ASN B 57 -13.50 -2.96 11.87
N ALA B 59 -15.41 -2.19 14.34
CA ALA B 59 -15.97 -2.74 15.58
C ALA B 59 -15.14 -3.90 16.11
N ASN B 60 -14.54 -4.68 15.21
CA ASN B 60 -13.64 -5.75 15.61
C ASN B 60 -12.31 -5.16 16.07
N SER B 61 -11.96 -3.98 15.56
CA SER B 61 -10.76 -3.27 16.00
C SER B 61 -10.93 -2.66 17.40
N VAL B 62 -12.07 -1.99 17.65
CA VAL B 62 -12.43 -1.53 18.99
C VAL B 62 -12.50 -2.68 20.01
N ILE B 63 -13.12 -3.80 19.64
CA ILE B 63 -13.12 -4.97 20.50
C ILE B 63 -11.71 -5.50 20.73
N ALA B 64 -10.91 -5.60 19.68
CA ALA B 64 -9.53 -6.08 19.85
C ALA B 64 -8.83 -5.27 20.93
N GLN B 65 -9.02 -3.95 20.85
CA GLN B 65 -8.40 -3.00 21.73
C GLN B 65 -8.90 -3.21 23.15
N LEU B 66 -10.20 -3.43 23.29
CA LEU B 66 -10.84 -3.58 24.59
C LEU B 66 -10.35 -4.85 25.26
N LEU B 67 -10.15 -5.92 24.48
CA LEU B 67 -9.60 -7.18 25.01
C LEU B 67 -8.17 -6.95 25.46
N PHE B 68 -7.42 -6.18 24.69
CA PHE B 68 -6.04 -5.90 24.99
C PHE B 68 -5.94 -5.21 26.34
N LEU B 69 -6.70 -4.12 26.48
CA LEU B 69 -6.71 -3.35 27.72
C LEU B 69 -7.14 -4.25 28.85
N ASP B 70 -8.19 -5.05 28.67
CA ASP B 70 -8.56 -6.01 29.71
C ASP B 70 -7.46 -7.01 30.10
N ALA B 71 -6.65 -7.44 29.14
CA ALA B 71 -5.57 -8.39 29.43
C ALA B 71 -4.40 -7.71 30.16
N GLN B 72 -4.16 -6.46 29.78
CA GLN B 72 -3.12 -5.63 30.37
C GLN B 72 -3.40 -5.37 31.84
N ASP B 73 -4.61 -4.86 32.13
CA ASP B 73 -5.09 -4.65 33.49
C ASP B 73 -6.62 -4.62 33.56
N SER B 74 -7.21 -5.67 34.14
CA SER B 74 -8.66 -5.81 34.23
C SER B 74 -9.39 -4.88 35.23
N THR B 75 -8.67 -4.05 35.99
CA THR B 75 -9.32 -3.16 36.95
C THR B 75 -9.30 -1.68 36.61
N LYS B 76 -8.27 -1.22 35.91
CA LYS B 76 -8.18 0.17 35.48
C LYS B 76 -9.33 0.54 34.55
N ASP B 77 -9.89 1.72 34.70
CA ASP B 77 -10.89 2.26 33.80
C ASP B 77 -10.40 2.41 32.35
N ILE B 78 -11.33 2.25 31.42
CA ILE B 78 -11.12 2.49 30.00
C ILE B 78 -11.91 3.71 29.58
N TYR B 79 -11.38 4.50 28.67
CA TYR B 79 -12.04 5.69 28.16
C TYR B 79 -12.31 5.50 26.68
N LEU B 80 -13.58 5.40 26.32
CA LEU B 80 -14.01 5.15 24.96
C LEU B 80 -14.69 6.37 24.36
N TYR B 81 -14.00 7.06 23.45
CA TYR B 81 -14.56 8.18 22.70
C TYR B 81 -15.48 7.70 21.57
N VAL B 82 -16.62 8.36 21.41
CA VAL B 82 -17.66 7.90 20.50
C VAL B 82 -18.12 9.04 19.59
N ASN B 83 -17.96 8.85 18.30
CA ASN B 83 -18.42 9.81 17.28
C ASN B 83 -18.88 9.03 16.03
N THR B 84 -20.15 8.63 16.02
CA THR B 84 -20.70 7.73 15.00
C THR B 84 -22.16 8.04 14.68
N PRO B 85 -22.56 7.89 13.42
CA PRO B 85 -23.98 7.99 13.07
C PRO B 85 -24.69 6.64 13.18
N GLY B 86 -24.06 5.66 13.82
CA GLY B 86 -24.63 4.33 13.97
C GLY B 86 -24.22 3.35 12.90
N GLY B 87 -24.93 2.23 12.85
CA GLY B 87 -24.76 1.27 11.79
C GLY B 87 -25.18 -0.13 12.22
N SER B 88 -24.28 -1.06 12.02
CA SER B 88 -24.58 -2.46 12.17
C SER B 88 -24.95 -2.78 13.61
N VAL B 89 -26.09 -3.46 13.76
CA VAL B 89 -26.62 -3.86 15.05
C VAL B 89 -25.80 -4.99 15.65
N SER B 90 -25.45 -5.98 14.85
CA SER B 90 -24.68 -7.10 15.39
C SER B 90 -23.35 -6.63 15.97
N ALA B 91 -22.66 -5.77 15.23
CA ALA B 91 -21.32 -5.31 15.59
C ALA B 91 -21.36 -4.30 16.74
N GLY B 92 -22.36 -3.45 16.76
CA GLY B 92 -22.59 -2.57 17.89
C GLY B 92 -22.82 -3.33 19.18
N LEU B 93 -23.61 -4.42 19.12
CA LEU B 93 -23.94 -5.18 20.33
C LEU B 93 -22.76 -6.01 20.79
N ALA B 94 -21.87 -6.32 19.85
CA ALA B 94 -20.63 -7.01 20.14
C ALA B 94 -19.74 -6.13 21.01
N ILE B 95 -19.72 -4.83 20.69
CA ILE B 95 -18.93 -3.86 21.43
C ILE B 95 -19.52 -3.68 22.82
N VAL B 96 -20.82 -3.43 22.88
CA VAL B 96 -21.52 -3.28 24.15
C VAL B 96 -21.26 -4.49 25.04
N ASP B 97 -21.41 -5.69 24.50
CA ASP B 97 -21.22 -6.90 25.28
C ASP B 97 -19.80 -7.08 25.74
N THR B 98 -18.83 -6.67 24.90
CA THR B 98 -17.44 -6.77 25.29
C THR B 98 -17.20 -5.74 26.41
N ASN B 100 -19.38 -4.70 28.56
CA ASN B 100 -20.07 -5.12 29.78
C ASN B 100 -19.40 -6.36 30.39
N PHE B 101 -18.76 -7.19 29.58
CA PHE B 101 -18.14 -8.42 30.08
C PHE B 101 -16.91 -8.16 30.93
N ILE B 102 -16.02 -7.31 30.41
CA ILE B 102 -14.77 -6.98 31.08
C ILE B 102 -15.10 -6.16 32.31
N LYS B 103 -14.45 -6.47 33.42
CA LYS B 103 -14.79 -5.89 34.72
C LYS B 103 -14.39 -4.42 34.82
N ALA B 104 -13.38 -4.03 34.05
CA ALA B 104 -13.00 -2.62 33.98
C ALA B 104 -14.19 -1.77 33.53
N ASP B 105 -14.46 -0.70 34.28
CA ASP B 105 -15.42 0.33 33.91
C ASP B 105 -15.07 1.06 32.62
N VAL B 106 -15.93 0.95 31.62
CA VAL B 106 -15.73 1.63 30.35
C VAL B 106 -16.50 2.94 30.35
N GLN B 107 -15.76 4.04 30.53
CA GLN B 107 -16.32 5.40 30.44
C GLN B 107 -16.57 5.76 28.98
N THR B 108 -17.56 6.60 28.72
CA THR B 108 -17.84 7.02 27.36
C THR B 108 -17.82 8.54 27.25
N ILE B 109 -17.31 9.04 26.12
CA ILE B 109 -17.33 10.46 25.80
C ILE B 109 -17.82 10.61 24.38
N VAL B 110 -19.06 11.02 24.24
CA VAL B 110 -19.68 11.35 22.97
C VAL B 110 -19.15 12.69 22.51
N GLY B 112 -19.16 15.24 18.81
CA GLY B 112 -19.74 15.41 17.49
C GLY B 112 -21.17 14.90 17.47
N ALA B 114 -23.67 11.08 18.38
CA ALA B 114 -23.95 9.66 18.56
C ALA B 114 -25.39 9.37 18.15
N ALA B 115 -25.58 8.55 17.12
CA ALA B 115 -26.90 8.22 16.58
C ALA B 115 -27.10 6.71 16.40
N SER B 116 -28.27 6.22 16.81
CA SER B 116 -28.64 4.80 16.64
C SER B 116 -27.76 3.92 17.52
N GLY B 118 -24.73 4.19 18.16
CA GLY B 118 -23.89 5.09 18.94
C GLY B 118 -24.47 5.38 20.32
N THR B 119 -25.77 5.60 20.39
CA THR B 119 -26.39 5.87 21.68
C THR B 119 -26.48 4.64 22.54
N VAL B 120 -26.70 3.48 21.93
CA VAL B 120 -26.67 2.23 22.67
C VAL B 120 -25.26 1.93 23.19
N ILE B 121 -24.25 2.31 22.42
CA ILE B 121 -22.86 2.10 22.80
C ILE B 121 -22.48 3.06 23.92
N ALA B 122 -22.64 4.36 23.67
CA ALA B 122 -22.33 5.43 24.65
C ALA B 122 -23.12 5.33 25.96
N SER B 123 -24.44 5.15 25.87
CA SER B 123 -25.29 5.00 27.06
C SER B 123 -25.02 3.75 27.90
N SER B 124 -24.37 2.72 27.34
CA SER B 124 -23.99 1.50 28.08
C SER B 124 -22.64 1.65 28.83
N GLY B 125 -22.08 2.86 28.82
CA GLY B 125 -20.93 3.16 29.64
C GLY B 125 -21.23 3.00 31.11
N ALA B 126 -20.18 2.87 31.91
CA ALA B 126 -20.31 2.74 33.36
C ALA B 126 -21.10 3.90 33.93
N LYS B 127 -22.15 3.59 34.69
CA LYS B 127 -22.96 4.61 35.31
C LYS B 127 -22.08 5.59 36.08
N GLY B 128 -22.26 6.88 35.83
CA GLY B 128 -21.49 7.95 36.45
C GLY B 128 -20.32 8.44 35.62
N LYS B 129 -20.05 7.71 34.55
CA LYS B 129 -18.84 7.92 33.79
C LYS B 129 -19.18 7.99 32.32
N ARG B 130 -20.31 8.59 31.99
CA ARG B 130 -20.70 8.81 30.60
C ARG B 130 -20.79 10.32 30.39
N PHE B 131 -20.02 10.80 29.43
CA PHE B 131 -19.82 12.23 29.24
C PHE B 131 -20.20 12.62 27.83
N LEU B 133 -19.72 16.23 25.00
CA LEU B 133 -19.24 17.57 24.74
C LEU B 133 -20.44 18.47 24.46
N PRO B 134 -20.33 19.76 24.81
CA PRO B 134 -21.51 20.64 24.88
C PRO B 134 -22.26 20.80 23.55
N ASN B 135 -21.57 20.75 22.43
CA ASN B 135 -22.21 20.91 21.13
C ASN B 135 -22.48 19.58 20.42
N ALA B 136 -22.16 18.47 21.07
CA ALA B 136 -22.48 17.17 20.52
C ALA B 136 -23.99 16.97 20.45
N GLU B 137 -24.41 16.06 19.59
CA GLU B 137 -25.82 15.77 19.42
C GLU B 137 -26.10 14.27 19.53
N TYR B 138 -27.25 13.95 20.13
CA TYR B 138 -27.69 12.58 20.39
C TYR B 138 -28.97 12.34 19.62
N ILE B 140 -31.70 8.86 19.39
CA ILE B 140 -31.87 7.45 19.81
C ILE B 140 -32.74 6.58 18.91
N HIS B 141 -33.13 7.10 17.74
CA HIS B 141 -33.90 6.32 16.76
C HIS B 141 -33.01 5.20 16.25
N GLN B 142 -33.57 4.01 16.09
CA GLN B 142 -32.84 2.84 15.57
C GLN B 142 -33.47 2.35 14.26
N PRO B 143 -32.85 2.65 13.12
CA PRO B 143 -33.28 2.05 11.85
C PRO B 143 -32.75 0.62 11.72
N ILE B 158 -32.63 -10.01 8.68
CA ILE B 158 -33.12 -9.97 7.29
C ILE B 158 -34.60 -10.45 7.19
N ALA B 159 -35.10 -11.19 8.20
CA ALA B 159 -36.53 -11.52 8.32
C ALA B 159 -37.17 -10.58 9.36
N PRO B 160 -38.50 -10.38 9.27
CA PRO B 160 -39.15 -9.23 9.93
C PRO B 160 -39.55 -9.40 11.40
N GLU B 161 -39.91 -10.60 11.81
CA GLU B 161 -40.22 -10.85 13.23
C GLU B 161 -38.95 -10.65 14.05
N HIS B 162 -37.81 -11.04 13.45
CA HIS B 162 -36.49 -10.92 14.08
C HIS B 162 -36.06 -9.47 14.23
N LEU B 163 -36.36 -8.66 13.22
CA LEU B 163 -36.08 -7.21 13.25
C LEU B 163 -36.83 -6.51 14.38
N LEU B 164 -38.04 -6.98 14.67
CA LEU B 164 -38.90 -6.41 15.72
C LEU B 164 -38.38 -6.78 17.10
N LYS B 165 -37.87 -8.00 17.23
CA LYS B 165 -37.31 -8.47 18.49
C LYS B 165 -36.00 -7.73 18.76
N THR B 166 -35.23 -7.52 17.71
CA THR B 166 -33.98 -6.82 17.84
C THR B 166 -34.18 -5.38 18.35
N ARG B 167 -35.19 -4.69 17.80
CA ARG B 167 -35.51 -3.33 18.22
C ARG B 167 -35.98 -3.22 19.67
N ASN B 168 -36.72 -4.21 20.13
CA ASN B 168 -37.12 -4.30 21.51
C ASN B 168 -35.90 -4.34 22.41
N THR B 169 -34.97 -5.23 22.06
CA THR B 169 -33.73 -5.38 22.80
C THR B 169 -33.01 -4.03 22.90
N LEU B 170 -32.94 -3.30 21.79
CA LEU B 170 -32.16 -2.09 21.76
C LEU B 170 -32.81 -1.03 22.68
N GLU B 171 -34.14 -0.96 22.65
CA GLU B 171 -34.89 -0.04 23.51
C GLU B 171 -34.90 -0.53 24.93
N LYS B 172 -34.93 -1.84 25.14
CA LYS B 172 -34.82 -2.41 26.46
C LYS B 172 -33.51 -1.92 27.09
N ILE B 173 -32.41 -1.96 26.31
CA ILE B 173 -31.09 -1.55 26.76
C ILE B 173 -31.06 -0.04 27.00
N LEU B 174 -31.76 0.72 26.16
CA LEU B 174 -31.79 2.16 26.28
C LEU B 174 -32.57 2.54 27.52
N ALA B 175 -33.61 1.76 27.83
CA ALA B 175 -34.47 2.04 28.99
C ALA B 175 -33.67 1.85 30.28
N GLU B 176 -33.08 0.67 30.43
CA GLU B 176 -32.19 0.37 31.54
C GLU B 176 -31.11 1.46 31.68
N ASN B 177 -30.45 1.85 30.59
CA ASN B 177 -29.34 2.78 30.70
C ASN B 177 -29.76 4.18 31.16
N SER B 178 -31.02 4.54 30.94
CA SER B 178 -31.54 5.86 31.28
C SER B 178 -32.49 5.89 32.49
N GLY B 179 -32.92 4.71 32.94
CA GLY B 179 -33.87 4.62 34.03
C GLY B 179 -35.29 5.04 33.68
N GLN B 180 -35.69 4.86 32.43
CA GLN B 180 -37.01 5.25 31.96
C GLN B 180 -37.80 4.05 31.48
N SER B 181 -39.11 4.20 31.41
CA SER B 181 -39.98 3.13 30.97
C SER B 181 -39.66 2.80 29.52
N GLU B 183 -41.77 1.84 27.47
CA GLU B 183 -42.90 2.53 26.86
C GLU B 183 -42.51 3.92 26.33
N LYS B 184 -41.89 4.71 27.19
CA LYS B 184 -41.50 6.07 26.85
C LYS B 184 -40.36 6.09 25.83
N VAL B 185 -39.39 5.19 25.97
CA VAL B 185 -38.28 5.13 25.02
C VAL B 185 -38.81 4.73 23.65
N HIS B 186 -39.86 3.92 23.61
CA HIS B 186 -40.41 3.47 22.33
C HIS B 186 -40.98 4.68 21.62
N ALA B 187 -41.85 5.40 22.30
CA ALA B 187 -42.47 6.59 21.74
C ALA B 187 -41.42 7.62 21.30
N ASP B 188 -40.49 7.93 22.19
CA ASP B 188 -39.47 8.96 21.94
C ASP B 188 -38.46 8.57 20.83
N ALA B 189 -38.21 7.27 20.67
CA ALA B 189 -37.27 6.74 19.67
C ALA B 189 -37.87 6.65 18.27
N GLU B 190 -39.18 6.66 18.17
CA GLU B 190 -39.87 6.70 16.89
C GLU B 190 -39.68 8.05 16.19
N ARG B 191 -39.55 9.10 16.99
CA ARG B 191 -39.68 10.48 16.52
C ARG B 191 -38.66 10.90 15.46
N ASP B 192 -37.43 10.42 15.56
CA ASP B 192 -36.32 10.92 14.72
C ASP B 192 -36.07 12.42 15.00
N ASN B 193 -35.89 12.76 16.28
CA ASN B 193 -35.49 14.11 16.68
C ASN B 193 -34.13 14.11 17.40
N TRP B 194 -33.45 15.25 17.32
CA TRP B 194 -32.09 15.40 17.84
C TRP B 194 -32.09 16.12 19.18
N SER B 196 -29.95 17.76 22.45
CA SER B 196 -28.72 18.46 22.82
C SER B 196 -28.06 17.75 24.00
N ALA B 197 -26.87 18.21 24.34
CA ALA B 197 -26.14 17.67 25.49
C ALA B 197 -27.00 17.75 26.72
N GLN B 198 -27.68 18.88 26.90
CA GLN B 198 -28.53 19.14 28.06
C GLN B 198 -29.78 18.26 28.05
N GLU B 199 -30.41 18.12 26.90
CA GLU B 199 -31.55 17.22 26.79
C GLU B 199 -31.12 15.77 27.00
N THR B 200 -29.86 15.43 26.69
CA THR B 200 -29.36 14.06 26.88
C THR B 200 -29.11 13.80 28.36
N LEU B 201 -28.73 14.84 29.08
CA LEU B 201 -28.60 14.77 30.54
C LEU B 201 -29.96 14.58 31.21
N GLU B 202 -30.94 15.33 30.74
CA GLU B 202 -32.29 15.33 31.33
C GLU B 202 -32.95 13.96 31.13
N TYR B 203 -32.59 13.27 30.07
CA TYR B 203 -33.17 11.99 29.75
C TYR B 203 -32.52 10.87 30.57
N GLY B 204 -31.26 11.04 30.95
CA GLY B 204 -30.54 10.03 31.72
C GLY B 204 -29.56 9.16 30.92
N PHE B 205 -29.34 9.50 29.66
CA PHE B 205 -28.40 8.78 28.83
C PHE B 205 -26.92 9.10 29.11
N ILE B 206 -26.64 10.28 29.66
CA ILE B 206 -25.29 10.68 30.09
C ILE B 206 -25.36 11.21 31.51
N ASP B 207 -24.21 11.37 32.16
CA ASP B 207 -24.10 11.87 33.54
C ASP B 207 -23.51 13.27 33.70
N GLU B 208 -22.70 13.70 32.74
CA GLU B 208 -22.05 14.99 32.86
C GLU B 208 -21.72 15.58 31.51
N ILE B 209 -21.99 16.87 31.35
CA ILE B 209 -21.56 17.62 30.18
C ILE B 209 -20.16 18.20 30.46
N ALA B 211 -16.79 20.63 30.06
CA ALA B 211 -16.70 22.08 30.11
C ALA B 211 -16.09 22.71 28.85
N ASN B 212 -16.51 23.94 28.53
CA ASN B 212 -15.73 24.87 27.71
C ASN B 212 -14.78 25.63 28.65
N ASN B 213 -13.48 25.29 28.61
CA ASN B 213 -12.45 25.96 29.41
C ASN B 213 -11.72 27.14 28.74
N SER B 214 -12.52 28.03 28.17
CA SER B 214 -12.03 29.26 27.54
C SER B 214 -12.82 30.44 28.08
N MET C 21 -2.34 -1.01 8.34
CA MET C 21 -2.38 -1.71 9.67
C MET C 21 -2.69 -0.78 10.88
N ILE C 22 -3.36 -1.32 11.89
CA ILE C 22 -4.10 -0.55 12.92
C ILE C 22 -4.09 -1.14 14.34
N PRO C 23 -4.18 -0.32 15.40
CA PRO C 23 -3.21 0.72 15.71
C PRO C 23 -1.84 0.08 15.96
N VAL C 24 -0.79 0.74 15.52
CA VAL C 24 0.50 0.09 15.39
C VAL C 24 1.67 0.66 16.21
N VAL C 25 2.66 -0.19 16.36
CA VAL C 25 3.83 0.05 17.18
C VAL C 25 5.00 -0.50 16.35
N ILE C 26 6.03 0.28 16.08
CA ILE C 26 7.17 -0.29 15.34
C ILE C 26 8.22 -0.78 16.36
N GLU C 27 9.34 -1.36 15.90
CA GLU C 27 10.26 -2.12 16.79
C GLU C 27 11.53 -1.38 17.24
N GLN C 28 12.03 -1.75 18.41
CA GLN C 28 13.34 -1.33 18.93
C GLN C 28 14.48 -2.07 18.23
N ARG C 34 4.86 -5.91 8.03
CA ARG C 34 5.27 -4.61 8.56
C ARG C 34 5.09 -4.57 10.09
N SER C 35 4.29 -3.62 10.60
CA SER C 35 4.35 -3.22 12.01
C SER C 35 3.49 -4.06 12.98
N TYR C 36 3.68 -3.82 14.27
CA TYR C 36 3.11 -4.60 15.38
C TYR C 36 1.75 -4.06 15.80
N ASP C 37 0.73 -4.55 15.11
CA ASP C 37 -0.66 -4.08 15.25
C ASP C 37 -1.37 -4.80 16.39
N ILE C 38 -2.62 -4.39 16.65
CA ILE C 38 -3.35 -4.82 17.83
C ILE C 38 -3.63 -6.30 17.82
N TYR C 39 -3.75 -6.90 16.65
CA TYR C 39 -4.00 -8.35 16.56
C TYR C 39 -2.75 -9.15 16.86
N SER C 40 -1.59 -8.60 16.53
CA SER C 40 -0.31 -9.24 16.83
C SER C 40 0.00 -9.20 18.31
N ARG C 41 -0.53 -8.17 18.98
CA ARG C 41 -0.28 -7.97 20.39
C ARG C 41 -1.09 -8.95 21.20
N LEU C 42 -2.30 -9.19 20.73
CA LEU C 42 -3.20 -10.15 21.35
C LEU C 42 -2.70 -11.56 21.13
N LEU C 43 -2.22 -11.81 19.92
CA LEU C 43 -1.64 -13.10 19.56
C LEU C 43 -0.51 -13.53 20.49
N LYS C 44 0.22 -12.56 21.04
CA LYS C 44 1.21 -12.82 22.09
C LYS C 44 0.60 -13.49 23.33
N ASP C 45 -0.64 -13.13 23.66
CA ASP C 45 -1.44 -13.80 24.69
C ASP C 45 -2.28 -15.00 24.19
N ARG C 46 -1.87 -15.60 23.08
CA ARG C 46 -2.60 -16.70 22.45
C ARG C 46 -4.07 -16.41 22.00
N ILE C 47 -4.40 -15.13 21.73
CA ILE C 47 -5.72 -14.75 21.22
C ILE C 47 -5.76 -14.55 19.69
N ILE C 48 -6.58 -15.36 19.01
CA ILE C 48 -6.76 -15.31 17.55
C ILE C 48 -8.12 -14.70 17.27
N LEU C 50 -11.02 -14.27 14.46
CA LEU C 50 -11.52 -14.79 13.19
C LEU C 50 -12.74 -13.98 12.88
N THR C 51 -12.64 -13.12 11.89
CA THR C 51 -13.72 -12.17 11.60
C THR C 51 -13.90 -11.96 10.11
N GLY C 52 -15.04 -11.38 9.77
CA GLY C 52 -15.43 -11.27 8.38
C GLY C 52 -15.75 -12.64 7.78
N PRO C 53 -16.06 -12.66 6.50
CA PRO C 53 -16.49 -13.90 5.85
C PRO C 53 -15.35 -14.89 5.84
N VAL C 54 -15.68 -16.18 5.87
CA VAL C 54 -14.67 -17.22 5.80
C VAL C 54 -14.27 -17.44 4.36
N GLU C 55 -13.02 -17.13 4.04
CA GLU C 55 -12.44 -17.38 2.72
C GLU C 55 -10.99 -17.86 2.90
N ASP C 56 -10.36 -18.25 1.81
CA ASP C 56 -9.09 -18.97 1.90
C ASP C 56 -7.94 -18.16 2.55
N ASN C 57 -7.80 -16.88 2.22
CA ASN C 57 -6.72 -16.04 2.77
C ASN C 57 -6.79 -15.86 4.27
N ALA C 59 -8.42 -17.70 6.31
CA ALA C 59 -8.37 -19.01 6.93
C ALA C 59 -6.95 -19.53 7.03
N ASN C 60 -6.12 -19.13 6.07
CA ASN C 60 -4.73 -19.56 6.06
C ASN C 60 -3.93 -18.79 7.11
N SER C 61 -4.26 -17.52 7.28
CA SER C 61 -3.73 -16.72 8.38
C SER C 61 -4.09 -17.37 9.71
N VAL C 62 -5.36 -17.78 9.86
CA VAL C 62 -5.85 -18.36 11.11
C VAL C 62 -5.15 -19.70 11.37
N ILE C 63 -5.05 -20.56 10.34
CA ILE C 63 -4.39 -21.87 10.48
C ILE C 63 -2.90 -21.70 10.82
N ALA C 64 -2.22 -20.76 10.17
CA ALA C 64 -0.83 -20.50 10.49
C ALA C 64 -0.68 -20.01 11.94
N GLN C 65 -1.67 -19.28 12.46
CA GLN C 65 -1.59 -18.77 13.82
C GLN C 65 -1.75 -19.93 14.78
N LEU C 66 -2.68 -20.83 14.45
CA LEU C 66 -3.00 -22.00 15.29
C LEU C 66 -1.83 -22.98 15.39
N LEU C 67 -1.21 -23.30 14.25
CA LEU C 67 -0.01 -24.13 14.22
C LEU C 67 1.19 -23.47 14.94
N PHE C 68 1.27 -22.15 14.90
CA PHE C 68 2.36 -21.43 15.55
C PHE C 68 2.28 -21.58 17.06
N LEU C 69 1.12 -21.20 17.59
CA LEU C 69 0.85 -21.21 19.01
C LEU C 69 1.00 -22.60 19.58
N ASP C 70 0.55 -23.61 18.83
CA ASP C 70 0.62 -24.99 19.30
C ASP C 70 2.08 -25.44 19.41
N ALA C 71 2.88 -25.07 18.42
CA ALA C 71 4.30 -25.38 18.37
C ALA C 71 5.09 -24.78 19.55
N GLN C 72 4.62 -23.64 20.02
CA GLN C 72 5.28 -22.91 21.09
C GLN C 72 4.97 -23.53 22.43
N ASP C 73 3.71 -23.90 22.60
CA ASP C 73 3.27 -24.61 23.79
C ASP C 73 1.91 -25.24 23.49
N SER C 74 1.87 -26.56 23.42
CA SER C 74 0.62 -27.28 23.17
C SER C 74 -0.12 -27.67 24.44
N THR C 75 0.31 -27.19 25.61
CA THR C 75 -0.40 -27.47 26.85
C THR C 75 -1.15 -26.24 27.33
N LYS C 76 -1.09 -25.18 26.55
CA LYS C 76 -1.68 -23.90 26.92
C LYS C 76 -2.85 -23.61 25.98
N ASP C 77 -4.00 -23.26 26.55
CA ASP C 77 -5.19 -23.01 25.73
C ASP C 77 -4.96 -21.91 24.71
N ILE C 78 -5.83 -21.89 23.71
CA ILE C 78 -5.89 -20.85 22.68
C ILE C 78 -7.29 -20.26 22.74
N TYR C 79 -7.39 -18.96 22.50
CA TYR C 79 -8.65 -18.28 22.56
C TYR C 79 -8.98 -17.71 21.18
N LEU C 80 -9.92 -18.38 20.50
CA LEU C 80 -10.39 -18.03 19.16
C LEU C 80 -11.71 -17.27 19.23
N TYR C 81 -11.66 -15.97 18.95
CA TYR C 81 -12.85 -15.13 18.86
C TYR C 81 -13.50 -15.21 17.47
N VAL C 82 -14.82 -15.37 17.44
CA VAL C 82 -15.52 -15.70 16.22
C VAL C 82 -16.65 -14.69 15.99
N ASN C 83 -16.58 -13.97 14.89
CA ASN C 83 -17.63 -13.06 14.48
C ASN C 83 -17.66 -13.03 12.94
N THR C 84 -18.61 -13.77 12.36
CA THR C 84 -18.58 -14.05 10.94
C THR C 84 -19.95 -14.43 10.35
N PRO C 85 -20.27 -13.91 9.17
CA PRO C 85 -21.47 -14.35 8.47
C PRO C 85 -21.35 -15.79 7.96
N GLY C 86 -20.15 -16.33 7.85
CA GLY C 86 -19.96 -17.62 7.22
C GLY C 86 -19.14 -17.47 5.96
N GLY C 87 -19.24 -18.43 5.05
CA GLY C 87 -18.46 -18.46 3.83
C GLY C 87 -18.04 -19.86 3.37
N SER C 88 -16.86 -19.93 2.76
CA SER C 88 -16.30 -21.14 2.14
C SER C 88 -16.24 -22.36 3.08
N VAL C 89 -16.92 -23.44 2.66
CA VAL C 89 -16.95 -24.66 3.44
C VAL C 89 -15.56 -25.25 3.55
N SER C 90 -14.90 -25.35 2.41
CA SER C 90 -13.55 -25.87 2.32
C SER C 90 -12.57 -25.23 3.28
N ALA C 91 -12.52 -23.89 3.25
CA ALA C 91 -11.66 -23.12 4.17
C ALA C 91 -12.10 -23.24 5.64
N GLY C 92 -13.41 -23.21 5.90
CA GLY C 92 -13.92 -23.34 7.24
C GLY C 92 -13.57 -24.68 7.85
N LEU C 93 -13.63 -25.74 7.04
CA LEU C 93 -13.27 -27.09 7.47
C LEU C 93 -11.76 -27.27 7.68
N ALA C 94 -10.95 -26.52 6.95
CA ALA C 94 -9.50 -26.52 7.20
C ALA C 94 -9.19 -25.90 8.57
N ILE C 95 -9.88 -24.81 8.91
CA ILE C 95 -9.76 -24.22 10.24
C ILE C 95 -10.18 -25.22 11.30
N VAL C 96 -11.33 -25.87 11.09
CA VAL C 96 -11.82 -26.86 12.06
C VAL C 96 -10.88 -28.06 12.25
N ASP C 97 -10.39 -28.67 11.16
CA ASP C 97 -9.51 -29.82 11.29
C ASP C 97 -8.22 -29.43 11.96
N THR C 98 -7.72 -28.23 11.69
CA THR C 98 -6.48 -27.74 12.32
C THR C 98 -6.67 -27.56 13.83
N ASN C 100 -8.65 -29.27 15.65
CA ASN C 100 -8.73 -30.64 16.14
C ASN C 100 -7.39 -31.42 16.11
N PHE C 101 -6.53 -31.10 15.16
CA PHE C 101 -5.22 -31.76 15.03
C PHE C 101 -4.34 -31.36 16.19
N ILE C 102 -4.23 -30.06 16.45
CA ILE C 102 -3.36 -29.56 17.50
C ILE C 102 -3.85 -29.99 18.87
N LYS C 103 -2.90 -30.33 19.73
CA LYS C 103 -3.19 -30.84 21.08
C LYS C 103 -3.67 -29.73 21.99
N ALA C 104 -3.26 -28.51 21.72
CA ALA C 104 -3.69 -27.38 22.52
C ALA C 104 -5.20 -27.23 22.34
N ASP C 105 -5.92 -27.00 23.44
CA ASP C 105 -7.35 -26.79 23.38
C ASP C 105 -7.60 -25.42 22.80
N VAL C 106 -8.63 -25.32 21.95
CA VAL C 106 -9.02 -24.05 21.35
C VAL C 106 -10.36 -23.67 21.90
N GLN C 107 -10.37 -22.75 22.86
CA GLN C 107 -11.61 -22.11 23.33
C GLN C 107 -12.15 -21.23 22.20
N THR C 108 -13.46 -21.06 22.12
CA THR C 108 -14.08 -20.22 21.11
C THR C 108 -15.08 -19.31 21.79
N ILE C 109 -15.15 -18.08 21.32
CA ILE C 109 -16.04 -17.10 21.91
C ILE C 109 -16.79 -16.41 20.78
N VAL C 110 -18.10 -16.58 20.76
CA VAL C 110 -18.93 -15.95 19.73
C VAL C 110 -19.29 -14.55 20.18
N GLY C 112 -21.21 -10.95 18.51
CA GLY C 112 -21.90 -10.35 17.40
C GLY C 112 -22.75 -11.37 16.67
N ALA C 114 -22.54 -15.57 14.80
CA ALA C 114 -21.91 -16.69 14.11
C ALA C 114 -22.98 -17.35 13.25
N ALA C 115 -22.69 -17.47 11.96
CA ALA C 115 -23.64 -18.02 10.98
C ALA C 115 -22.91 -18.98 10.05
N SER C 116 -23.59 -20.08 9.71
CA SER C 116 -23.06 -21.10 8.82
C SER C 116 -21.71 -21.66 9.23
N GLY C 118 -19.24 -20.25 10.40
CA GLY C 118 -19.16 -19.70 11.75
C GLY C 118 -19.54 -20.67 12.87
N THR C 119 -20.75 -21.23 12.81
CA THR C 119 -21.26 -22.14 13.86
C THR C 119 -20.53 -23.47 13.88
N VAL C 120 -20.21 -23.96 12.69
CA VAL C 120 -19.45 -25.19 12.56
C VAL C 120 -18.08 -25.05 13.20
N ILE C 121 -17.46 -23.90 13.01
CA ILE C 121 -16.13 -23.57 13.58
C ILE C 121 -16.21 -23.36 15.09
N ALA C 122 -17.12 -22.48 15.56
CA ALA C 122 -17.27 -22.14 16.99
C ALA C 122 -17.66 -23.33 17.87
N SER C 123 -18.61 -24.12 17.40
CA SER C 123 -19.13 -25.25 18.15
C SER C 123 -18.12 -26.38 18.23
N SER C 124 -17.05 -26.30 17.43
CA SER C 124 -15.95 -27.26 17.51
C SER C 124 -14.86 -26.91 18.54
N GLY C 125 -15.12 -25.92 19.39
CA GLY C 125 -14.18 -25.52 20.42
C GLY C 125 -14.06 -26.62 21.45
N ALA C 126 -12.91 -26.71 22.10
CA ALA C 126 -12.76 -27.62 23.22
C ALA C 126 -14.03 -27.60 24.09
N LYS C 127 -14.56 -28.78 24.34
CA LYS C 127 -15.78 -28.89 25.11
C LYS C 127 -15.52 -28.41 26.56
N GLY C 128 -16.46 -27.62 27.08
CA GLY C 128 -16.29 -26.90 28.33
C GLY C 128 -15.82 -25.47 28.17
N LYS C 129 -15.32 -25.13 26.99
CA LYS C 129 -14.63 -23.86 26.76
C LYS C 129 -15.14 -23.17 25.50
N ARG C 130 -16.45 -23.29 25.28
CA ARG C 130 -17.12 -22.57 24.19
C ARG C 130 -18.12 -21.55 24.79
N PHE C 131 -17.92 -20.30 24.43
CA PHE C 131 -18.64 -19.21 25.03
C PHE C 131 -19.31 -18.38 23.98
N LEU C 133 -21.30 -14.24 23.76
CA LEU C 133 -21.71 -13.00 24.39
C LEU C 133 -23.22 -12.99 24.41
N PRO C 134 -23.85 -12.36 25.40
CA PRO C 134 -25.31 -12.51 25.60
C PRO C 134 -26.25 -11.93 24.49
N ASN C 135 -25.83 -10.93 23.73
CA ASN C 135 -26.65 -10.40 22.65
C ASN C 135 -26.17 -10.84 21.28
N ALA C 136 -25.17 -11.70 21.24
CA ALA C 136 -24.74 -12.33 20.00
C ALA C 136 -25.85 -13.21 19.44
N GLU C 137 -25.78 -13.52 18.16
CA GLU C 137 -26.74 -14.43 17.56
C GLU C 137 -26.11 -15.55 16.72
N TYR C 138 -26.84 -16.65 16.61
CA TYR C 138 -26.34 -17.91 16.07
C TYR C 138 -27.30 -18.39 15.00
N ILE C 140 -27.62 -21.80 12.35
CA ILE C 140 -26.97 -23.03 11.90
C ILE C 140 -27.28 -23.41 10.43
N HIS C 141 -28.24 -22.73 9.81
CA HIS C 141 -28.49 -22.90 8.38
C HIS C 141 -27.19 -22.76 7.60
N GLN C 142 -26.97 -23.69 6.69
CA GLN C 142 -25.83 -23.68 5.77
C GLN C 142 -26.36 -23.52 4.33
N PRO C 143 -26.29 -22.31 3.75
CA PRO C 143 -26.63 -22.13 2.33
C PRO C 143 -25.50 -22.72 1.49
N ALA C 159 -21.87 -29.07 -8.60
CA ALA C 159 -22.57 -30.35 -8.75
C ALA C 159 -23.39 -30.71 -7.49
N PRO C 160 -24.70 -30.92 -7.62
CA PRO C 160 -25.58 -31.08 -6.46
C PRO C 160 -25.36 -32.29 -5.56
N GLU C 161 -24.79 -33.37 -6.08
CA GLU C 161 -24.55 -34.56 -5.26
C GLU C 161 -23.47 -34.19 -4.25
N HIS C 162 -22.51 -33.38 -4.68
CA HIS C 162 -21.44 -32.96 -3.81
C HIS C 162 -21.87 -31.87 -2.82
N LEU C 163 -22.80 -31.01 -3.19
CA LEU C 163 -23.28 -29.97 -2.27
C LEU C 163 -24.04 -30.60 -1.13
N LEU C 164 -24.86 -31.58 -1.45
CA LEU C 164 -25.55 -32.41 -0.47
C LEU C 164 -24.56 -33.15 0.42
N LYS C 165 -23.48 -33.69 -0.17
CA LYS C 165 -22.49 -34.42 0.62
C LYS C 165 -21.79 -33.55 1.65
N THR C 166 -21.37 -32.34 1.28
CA THR C 166 -20.67 -31.52 2.23
C THR C 166 -21.67 -31.04 3.25
N ARG C 167 -22.93 -30.88 2.85
CA ARG C 167 -23.91 -30.40 3.80
C ARG C 167 -24.17 -31.44 4.87
N ASN C 168 -24.13 -32.71 4.46
CA ASN C 168 -24.27 -33.80 5.41
C ASN C 168 -23.13 -33.82 6.45
N THR C 169 -21.92 -33.50 5.99
CA THR C 169 -20.72 -33.41 6.82
C THR C 169 -20.86 -32.34 7.88
N LEU C 170 -21.39 -31.19 7.49
CA LEU C 170 -21.54 -30.05 8.38
C LEU C 170 -22.58 -30.35 9.41
N GLU C 171 -23.68 -30.94 8.96
CA GLU C 171 -24.81 -31.26 9.85
C GLU C 171 -24.37 -32.37 10.78
N LYS C 172 -23.53 -33.27 10.31
CA LYS C 172 -23.03 -34.33 11.16
C LYS C 172 -22.19 -33.73 12.25
N ILE C 173 -21.27 -32.84 11.87
CA ILE C 173 -20.41 -32.17 12.85
C ILE C 173 -21.24 -31.36 13.83
N LEU C 174 -22.30 -30.73 13.37
CA LEU C 174 -23.09 -29.88 14.26
C LEU C 174 -23.69 -30.78 15.34
N ALA C 175 -24.18 -31.93 14.92
CA ALA C 175 -24.79 -32.91 15.84
C ALA C 175 -23.76 -33.48 16.83
N GLU C 176 -22.57 -33.83 16.34
CA GLU C 176 -21.48 -34.30 17.22
C GLU C 176 -21.15 -33.27 18.32
N ASN C 177 -21.12 -32.00 17.95
CA ASN C 177 -20.79 -30.87 18.85
C ASN C 177 -21.89 -30.51 19.85
N SER C 178 -23.15 -30.82 19.54
CA SER C 178 -24.28 -30.34 20.32
C SER C 178 -24.86 -31.37 21.26
N GLY C 179 -24.67 -32.65 20.93
CA GLY C 179 -25.42 -33.70 21.57
C GLY C 179 -26.86 -33.90 21.08
N GLN C 180 -27.23 -33.30 19.96
CA GLN C 180 -28.56 -33.47 19.41
C GLN C 180 -28.47 -34.35 18.17
N SER C 181 -29.61 -34.94 17.78
CA SER C 181 -29.63 -35.91 16.69
C SER C 181 -29.49 -35.22 15.34
N GLU C 183 -31.14 -35.83 12.72
CA GLU C 183 -32.48 -35.59 12.22
C GLU C 183 -32.94 -34.19 12.64
N LYS C 184 -32.80 -33.88 13.93
CA LYS C 184 -33.24 -32.60 14.47
C LYS C 184 -32.30 -31.45 14.06
N VAL C 185 -31.00 -31.68 13.99
CA VAL C 185 -30.11 -30.68 13.44
C VAL C 185 -30.53 -30.34 12.00
N HIS C 186 -30.84 -31.36 11.22
CA HIS C 186 -31.24 -31.19 9.84
C HIS C 186 -32.54 -30.42 9.79
N ALA C 187 -33.46 -30.69 10.71
CA ALA C 187 -34.74 -30.00 10.72
C ALA C 187 -34.60 -28.50 10.99
N ASP C 188 -33.76 -28.15 11.97
CA ASP C 188 -33.60 -26.75 12.42
C ASP C 188 -32.74 -25.90 11.50
N ALA C 189 -31.78 -26.52 10.80
CA ALA C 189 -30.92 -25.84 9.82
C ALA C 189 -31.65 -25.48 8.55
N GLU C 190 -32.72 -26.23 8.27
CA GLU C 190 -33.55 -26.03 7.09
C GLU C 190 -34.46 -24.82 7.29
N ARG C 191 -34.26 -24.10 8.39
CA ARG C 191 -34.98 -22.87 8.65
C ARG C 191 -34.01 -21.72 8.92
N ASP C 192 -34.48 -20.50 8.72
CA ASP C 192 -33.62 -19.32 8.77
C ASP C 192 -33.83 -18.54 10.06
N ASN C 193 -33.88 -19.26 11.17
CA ASN C 193 -34.08 -18.59 12.45
C ASN C 193 -32.73 -18.36 13.14
N TRP C 194 -32.56 -17.13 13.60
CA TRP C 194 -31.46 -16.78 14.48
C TRP C 194 -31.77 -17.25 15.90
N SER C 196 -30.82 -16.88 20.05
CA SER C 196 -30.23 -16.09 21.12
C SER C 196 -29.17 -16.94 21.82
N ALA C 197 -28.29 -16.30 22.60
CA ALA C 197 -27.29 -17.05 23.34
C ALA C 197 -27.94 -18.09 24.26
N GLN C 198 -29.13 -17.79 24.77
CA GLN C 198 -29.86 -18.73 25.60
C GLN C 198 -30.35 -19.96 24.81
N GLU C 199 -30.90 -19.74 23.62
CA GLU C 199 -31.37 -20.85 22.78
C GLU C 199 -30.18 -21.73 22.39
N THR C 200 -29.01 -21.10 22.21
CA THR C 200 -27.79 -21.77 21.77
C THR C 200 -27.16 -22.65 22.85
N LEU C 201 -27.21 -22.17 24.10
CA LEU C 201 -26.70 -22.94 25.23
C LEU C 201 -27.60 -24.16 25.48
N GLU C 202 -28.92 -23.96 25.40
CA GLU C 202 -29.91 -25.01 25.56
C GLU C 202 -29.81 -26.07 24.46
N TYR C 203 -29.53 -25.61 23.25
CA TYR C 203 -29.26 -26.48 22.11
C TYR C 203 -27.98 -27.31 22.25
N GLY C 204 -26.94 -26.76 22.88
CA GLY C 204 -25.69 -27.48 23.11
C GLY C 204 -24.45 -27.04 22.32
N PHE C 205 -24.60 -26.02 21.48
CA PHE C 205 -23.49 -25.50 20.73
C PHE C 205 -22.49 -24.73 21.58
N ILE C 206 -22.95 -24.09 22.66
CA ILE C 206 -22.05 -23.44 23.65
C ILE C 206 -22.12 -24.03 25.06
N ASP C 207 -21.21 -23.62 25.94
CA ASP C 207 -21.13 -24.13 27.31
C ASP C 207 -21.45 -23.13 28.44
N GLU C 208 -21.21 -21.84 28.18
CA GLU C 208 -21.53 -20.75 29.11
C GLU C 208 -21.73 -19.46 28.34
N ILE C 209 -22.66 -18.63 28.80
CA ILE C 209 -22.88 -17.28 28.26
C ILE C 209 -22.05 -16.39 29.14
N ALA C 211 -21.09 -12.99 31.07
CA ALA C 211 -21.95 -12.17 31.90
C ALA C 211 -21.93 -10.74 31.43
N ASN C 212 -23.01 -10.05 31.75
CA ASN C 212 -23.01 -8.61 31.80
C ASN C 212 -22.55 -8.26 33.21
N ASN C 213 -21.32 -7.76 33.33
CA ASN C 213 -20.67 -7.50 34.61
C ASN C 213 -20.81 -6.05 35.11
N SER C 214 -21.64 -5.24 34.46
CA SER C 214 -22.05 -3.94 34.98
C SER C 214 -23.33 -4.05 35.83
N LEU C 215 -23.63 -5.24 36.32
CA LEU C 215 -24.87 -5.49 37.08
C LEU C 215 -24.53 -5.76 38.57
N MET D 21 -3.89 -7.79 6.92
CA MET D 21 -4.14 -8.38 8.27
C MET D 21 -3.27 -9.63 8.49
N ILE D 22 -1.98 -9.51 8.18
CA ILE D 22 -1.05 -10.62 8.43
C ILE D 22 -0.38 -10.33 9.75
N PRO D 23 -0.61 -11.15 10.77
CA PRO D 23 -0.10 -10.82 12.10
C PRO D 23 1.40 -11.01 12.13
N VAL D 24 2.09 -10.21 12.94
CA VAL D 24 3.53 -10.39 13.11
C VAL D 24 3.85 -10.99 14.47
N VAL D 25 5.05 -11.54 14.57
CA VAL D 25 5.55 -12.19 15.76
C VAL D 25 6.90 -11.54 16.13
N ILE D 26 6.98 -10.96 17.33
CA ILE D 26 8.22 -10.38 17.85
C ILE D 26 9.03 -11.42 18.64
N GLU D 27 10.25 -11.69 18.22
CA GLU D 27 11.21 -12.44 19.04
C GLU D 27 12.34 -11.50 19.52
N GLN D 28 12.83 -11.73 20.75
CA GLN D 28 13.84 -10.87 21.38
C GLN D 28 15.23 -11.55 21.47
N THR D 29 16.26 -10.93 20.86
CA THR D 29 17.54 -11.61 20.60
C THR D 29 18.81 -10.82 21.01
N SER D 30 19.72 -10.57 20.06
CA SER D 30 21.05 -9.98 20.28
C SER D 30 22.00 -11.00 20.92
N GLU D 33 15.99 -7.63 18.90
CA GLU D 33 14.56 -7.64 18.57
C GLU D 33 14.28 -7.69 17.07
N ARG D 34 13.76 -8.83 16.61
CA ARG D 34 13.36 -9.04 15.21
C ARG D 34 11.83 -9.15 15.06
N SER D 35 11.35 -9.10 13.83
CA SER D 35 9.91 -9.04 13.55
C SER D 35 9.54 -9.77 12.26
N TYR D 36 8.84 -10.89 12.42
CA TYR D 36 8.41 -11.73 11.32
C TYR D 36 6.91 -11.62 11.15
N ASP D 37 6.42 -11.55 9.92
CA ASP D 37 5.03 -11.88 9.69
C ASP D 37 4.90 -13.40 9.96
N ILE D 38 3.68 -13.86 10.23
CA ILE D 38 3.48 -15.25 10.66
C ILE D 38 4.04 -16.28 9.67
N TYR D 39 3.83 -16.06 8.38
CA TYR D 39 4.31 -16.99 7.38
C TYR D 39 5.84 -17.10 7.40
N SER D 40 6.55 -15.98 7.50
CA SER D 40 8.02 -15.97 7.59
C SER D 40 8.50 -16.59 8.89
N ARG D 41 7.71 -16.45 9.93
CA ARG D 41 8.02 -17.12 11.19
C ARG D 41 8.00 -18.63 11.01
N LEU D 42 6.98 -19.12 10.30
CA LEU D 42 6.85 -20.55 9.99
C LEU D 42 7.96 -21.02 9.06
N LEU D 43 8.41 -20.15 8.17
CA LEU D 43 9.49 -20.46 7.27
C LEU D 43 10.83 -20.75 8.03
N LYS D 44 11.00 -20.23 9.25
CA LYS D 44 12.12 -20.63 10.12
C LYS D 44 12.09 -22.12 10.52
N ASP D 45 10.89 -22.68 10.64
CA ASP D 45 10.71 -24.11 10.92
C ASP D 45 10.52 -24.93 9.64
N ARG D 46 10.89 -24.37 8.50
CA ARG D 46 10.83 -25.06 7.21
C ARG D 46 9.40 -25.42 6.81
N ILE D 47 8.47 -24.52 7.11
CA ILE D 47 7.11 -24.66 6.67
C ILE D 47 6.88 -23.66 5.54
N ILE D 48 6.38 -24.16 4.40
CA ILE D 48 5.89 -23.34 3.29
C ILE D 48 4.36 -23.45 3.12
N LEU D 50 1.50 -23.22 0.49
CA LEU D 50 1.00 -23.18 -0.90
C LEU D 50 -0.50 -22.96 -0.82
N THR D 51 -0.95 -21.77 -1.18
CA THR D 51 -2.33 -21.35 -0.96
C THR D 51 -2.88 -20.55 -2.12
N GLY D 52 -4.18 -20.70 -2.35
CA GLY D 52 -4.84 -20.06 -3.46
C GLY D 52 -4.56 -20.73 -4.78
N PRO D 53 -4.96 -20.08 -5.86
CA PRO D 53 -4.76 -20.60 -7.22
C PRO D 53 -3.30 -20.75 -7.56
N VAL D 54 -2.91 -21.79 -8.29
CA VAL D 54 -1.51 -21.86 -8.70
C VAL D 54 -1.26 -21.02 -9.96
N GLU D 55 -0.29 -20.13 -9.88
CA GLU D 55 0.09 -19.30 -11.03
C GLU D 55 1.56 -18.83 -10.87
N ASP D 56 2.07 -18.13 -11.87
CA ASP D 56 3.52 -17.88 -11.98
C ASP D 56 4.15 -17.15 -10.76
N ASN D 57 3.40 -16.27 -10.09
CA ASN D 57 3.91 -15.47 -8.97
C ASN D 57 4.03 -16.21 -7.63
N ALA D 59 3.90 -19.30 -7.28
CA ALA D 59 4.73 -20.47 -7.55
C ALA D 59 6.18 -20.09 -7.39
N ASN D 60 6.54 -18.99 -8.04
CA ASN D 60 7.91 -18.48 -7.97
C ASN D 60 8.33 -18.35 -6.50
N SER D 61 7.41 -17.80 -5.69
CA SER D 61 7.64 -17.60 -4.26
C SER D 61 7.86 -18.92 -3.52
N VAL D 62 7.07 -19.93 -3.89
CA VAL D 62 7.19 -21.27 -3.30
C VAL D 62 8.53 -21.89 -3.66
N ILE D 63 8.88 -21.83 -4.94
CA ILE D 63 10.12 -22.40 -5.45
C ILE D 63 11.33 -21.74 -4.82
N ALA D 64 11.24 -20.44 -4.61
CA ALA D 64 12.33 -19.70 -3.96
C ALA D 64 12.52 -20.15 -2.50
N GLN D 65 11.40 -20.38 -1.81
CA GLN D 65 11.42 -20.90 -0.46
C GLN D 65 11.99 -22.30 -0.44
N LEU D 66 11.62 -23.12 -1.41
CA LEU D 66 12.14 -24.50 -1.53
C LEU D 66 13.66 -24.47 -1.73
N LEU D 67 14.13 -23.59 -2.59
CA LEU D 67 15.56 -23.52 -2.91
C LEU D 67 16.34 -23.03 -1.70
N PHE D 68 15.76 -22.09 -0.97
CA PHE D 68 16.41 -21.51 0.20
C PHE D 68 16.57 -22.58 1.27
N LEU D 69 15.46 -23.07 1.81
CA LEU D 69 15.49 -24.11 2.83
C LEU D 69 16.49 -25.22 2.48
N ASP D 70 16.47 -25.69 1.24
CA ASP D 70 17.37 -26.78 0.85
C ASP D 70 18.83 -26.40 0.93
N ALA D 71 19.16 -25.20 0.48
CA ALA D 71 20.49 -24.63 0.59
C ALA D 71 20.97 -24.59 2.04
N GLN D 72 20.09 -24.21 2.98
CA GLN D 72 20.40 -24.21 4.41
C GLN D 72 20.79 -25.59 4.95
N ASP D 73 20.05 -26.62 4.58
CA ASP D 73 20.28 -27.96 5.13
C ASP D 73 19.50 -28.99 4.35
N SER D 74 20.20 -29.74 3.50
CA SER D 74 19.58 -30.77 2.67
C SER D 74 19.05 -31.96 3.47
N THR D 75 19.44 -32.10 4.74
CA THR D 75 19.07 -33.28 5.52
C THR D 75 17.81 -33.09 6.36
N LYS D 76 17.44 -31.84 6.64
CA LYS D 76 16.20 -31.56 7.36
C LYS D 76 15.06 -31.44 6.34
N ASP D 77 13.89 -31.96 6.69
CA ASP D 77 12.75 -32.02 5.79
C ASP D 77 12.09 -30.67 5.62
N ILE D 78 11.15 -30.61 4.68
CA ILE D 78 10.42 -29.39 4.34
C ILE D 78 8.93 -29.74 4.41
N TYR D 79 8.12 -28.89 5.03
CA TYR D 79 6.69 -29.12 5.17
C TYR D 79 5.86 -28.17 4.31
N LEU D 80 5.38 -28.68 3.19
CA LEU D 80 4.50 -27.94 2.26
C LEU D 80 3.04 -28.22 2.55
N TYR D 81 2.39 -27.30 3.23
CA TYR D 81 0.95 -27.36 3.39
C TYR D 81 0.28 -26.90 2.09
N VAL D 82 -0.73 -27.64 1.64
CA VAL D 82 -1.36 -27.40 0.35
C VAL D 82 -2.87 -27.17 0.50
N ASN D 83 -3.35 -26.08 -0.09
CA ASN D 83 -4.77 -25.73 -0.09
C ASN D 83 -5.04 -24.87 -1.30
N THR D 84 -5.32 -25.51 -2.43
CA THR D 84 -5.47 -24.83 -3.73
C THR D 84 -6.59 -25.45 -4.60
N PRO D 85 -7.24 -24.64 -5.45
CA PRO D 85 -8.16 -25.15 -6.46
C PRO D 85 -7.41 -25.65 -7.70
N GLY D 86 -6.09 -25.51 -7.69
CA GLY D 86 -5.27 -25.84 -8.85
C GLY D 86 -5.05 -24.59 -9.65
N GLY D 87 -4.60 -24.76 -10.89
CA GLY D 87 -4.40 -23.64 -11.80
C GLY D 87 -3.52 -23.98 -12.99
N SER D 88 -2.49 -23.16 -13.19
CA SER D 88 -1.60 -23.25 -14.33
C SER D 88 -0.81 -24.57 -14.32
N VAL D 89 -0.75 -25.25 -15.45
CA VAL D 89 -0.01 -26.49 -15.51
C VAL D 89 1.50 -26.25 -15.48
N SER D 90 1.99 -25.26 -16.22
CA SER D 90 3.44 -25.02 -16.25
C SER D 90 4.01 -24.51 -14.91
N ALA D 91 3.26 -23.65 -14.22
CA ALA D 91 3.66 -23.17 -12.89
C ALA D 91 3.67 -24.30 -11.86
N GLY D 92 2.69 -25.20 -11.97
CA GLY D 92 2.60 -26.35 -11.09
C GLY D 92 3.71 -27.35 -11.32
N LEU D 93 3.99 -27.64 -12.58
CA LEU D 93 5.06 -28.55 -12.93
C LEU D 93 6.44 -28.00 -12.55
N ALA D 94 6.59 -26.68 -12.41
CA ALA D 94 7.83 -26.07 -11.96
C ALA D 94 8.03 -26.32 -10.46
N ILE D 95 6.92 -26.29 -9.72
CA ILE D 95 6.93 -26.59 -8.28
C ILE D 95 7.32 -28.06 -8.13
N VAL D 96 6.53 -28.93 -8.75
CA VAL D 96 6.80 -30.36 -8.72
C VAL D 96 8.26 -30.69 -9.02
N ASP D 97 8.81 -30.09 -10.08
CA ASP D 97 10.18 -30.35 -10.49
C ASP D 97 11.21 -29.79 -9.55
N THR D 98 10.90 -28.70 -8.85
CA THR D 98 11.80 -28.22 -7.79
C THR D 98 11.79 -29.17 -6.59
N ASN D 100 11.28 -32.33 -6.55
CA ASN D 100 12.04 -33.50 -6.93
C ASN D 100 13.52 -33.25 -7.10
N PHE D 101 13.89 -32.06 -7.58
CA PHE D 101 15.29 -31.74 -7.79
C PHE D 101 16.05 -31.61 -6.48
N ILE D 102 15.47 -30.91 -5.51
CA ILE D 102 16.15 -30.67 -4.24
C ILE D 102 16.23 -32.01 -3.52
N LYS D 103 17.40 -32.30 -3.00
CA LYS D 103 17.64 -33.60 -2.37
C LYS D 103 16.84 -33.68 -1.07
N ALA D 104 16.61 -32.53 -0.43
CA ALA D 104 15.70 -32.46 0.73
C ALA D 104 14.34 -33.04 0.42
N ASP D 105 13.82 -33.80 1.39
CA ASP D 105 12.54 -34.45 1.30
C ASP D 105 11.44 -33.44 1.60
N VAL D 106 10.50 -33.27 0.68
CA VAL D 106 9.36 -32.37 0.89
C VAL D 106 8.10 -33.13 1.27
N GLN D 107 7.64 -32.93 2.50
CA GLN D 107 6.37 -33.49 2.98
C GLN D 107 5.24 -32.60 2.47
N THR D 108 4.10 -33.20 2.16
CA THR D 108 2.95 -32.42 1.76
C THR D 108 1.81 -32.65 2.72
N ILE D 109 1.10 -31.57 3.04
CA ILE D 109 -0.08 -31.67 3.88
C ILE D 109 -1.24 -30.98 3.21
N VAL D 110 -2.16 -31.76 2.69
CA VAL D 110 -3.38 -31.20 2.12
C VAL D 110 -4.35 -30.81 3.22
N GLY D 112 -8.13 -28.51 3.60
CA GLY D 112 -9.24 -27.95 2.85
C GLY D 112 -9.50 -28.63 1.50
N ALA D 114 -7.37 -29.97 -2.41
CA ALA D 114 -6.38 -29.98 -3.48
C ALA D 114 -7.08 -30.51 -4.71
N ALA D 115 -7.11 -29.67 -5.74
CA ALA D 115 -7.82 -29.99 -6.96
C ALA D 115 -6.88 -29.77 -8.11
N SER D 116 -6.84 -30.74 -9.01
CA SER D 116 -6.21 -30.56 -10.30
C SER D 116 -4.69 -30.43 -10.14
N GLY D 118 -3.12 -29.02 -7.82
CA GLY D 118 -2.85 -29.23 -6.40
C GLY D 118 -2.60 -30.69 -6.04
N THR D 119 -3.19 -31.62 -6.79
CA THR D 119 -3.01 -33.06 -6.55
C THR D 119 -1.69 -33.59 -7.14
N VAL D 120 -1.36 -33.18 -8.35
CA VAL D 120 -0.04 -33.50 -8.93
C VAL D 120 1.08 -33.04 -8.01
N ILE D 121 0.89 -31.87 -7.38
CA ILE D 121 1.86 -31.31 -6.44
C ILE D 121 1.94 -32.12 -5.15
N ALA D 122 0.79 -32.25 -4.50
CA ALA D 122 0.71 -32.90 -3.21
C ALA D 122 1.18 -34.35 -3.28
N SER D 123 0.73 -35.09 -4.30
CA SER D 123 1.09 -36.50 -4.44
C SER D 123 2.59 -36.74 -4.72
N SER D 124 3.28 -35.76 -5.28
CA SER D 124 4.75 -35.79 -5.47
C SER D 124 5.59 -35.52 -4.20
N GLY D 125 4.94 -35.34 -3.06
CA GLY D 125 5.67 -35.28 -1.80
C GLY D 125 6.43 -36.56 -1.54
N ALA D 126 7.52 -36.47 -0.76
CA ALA D 126 8.27 -37.68 -0.37
C ALA D 126 7.29 -38.79 0.03
N LYS D 127 7.58 -40.02 -0.41
CA LYS D 127 6.75 -41.19 -0.13
C LYS D 127 6.80 -41.54 1.35
N GLY D 128 5.64 -41.83 1.92
CA GLY D 128 5.48 -42.01 3.35
C GLY D 128 5.25 -40.71 4.13
N LYS D 129 5.53 -39.56 3.53
CA LYS D 129 5.36 -38.28 4.20
C LYS D 129 4.40 -37.35 3.45
N ARG D 130 3.27 -37.91 3.01
CA ARG D 130 2.18 -37.14 2.41
C ARG D 130 0.90 -37.31 3.22
N PHE D 131 0.48 -36.25 3.89
CA PHE D 131 -0.65 -36.28 4.81
C PHE D 131 -1.86 -35.53 4.24
N LEU D 133 -5.72 -33.66 6.07
CA LEU D 133 -6.69 -33.45 7.17
C LEU D 133 -8.01 -34.20 6.87
N PRO D 134 -8.72 -34.68 7.90
CA PRO D 134 -9.88 -35.58 7.70
C PRO D 134 -11.03 -35.05 6.83
N ASN D 135 -11.41 -33.80 7.00
CA ASN D 135 -12.48 -33.23 6.20
C ASN D 135 -12.07 -32.53 4.91
N ALA D 136 -10.79 -32.55 4.59
CA ALA D 136 -10.28 -32.05 3.32
C ALA D 136 -10.77 -32.91 2.15
N GLU D 137 -10.57 -32.41 0.93
CA GLU D 137 -11.05 -33.06 -0.28
C GLU D 137 -10.06 -32.94 -1.42
N TYR D 138 -10.19 -33.86 -2.38
CA TYR D 138 -9.17 -34.14 -3.40
C TYR D 138 -9.85 -34.42 -4.73
N ILE D 140 -8.72 -35.13 -8.83
CA ILE D 140 -7.56 -35.29 -9.72
C ILE D 140 -7.86 -34.99 -11.17
N HIS D 141 -9.08 -34.55 -11.47
CA HIS D 141 -9.38 -34.07 -12.81
C HIS D 141 -8.41 -32.95 -13.19
N GLN D 142 -7.88 -33.03 -14.42
CA GLN D 142 -6.99 -32.01 -14.96
C GLN D 142 -7.68 -31.25 -16.10
N PRO D 143 -8.27 -30.08 -15.81
CA PRO D 143 -8.98 -29.32 -16.84
C PRO D 143 -8.01 -28.78 -17.89
N ALA D 159 -3.87 -25.17 -27.47
CA ALA D 159 -3.95 -25.74 -28.81
C ALA D 159 -4.00 -27.29 -28.79
N PRO D 160 -5.00 -27.88 -29.47
CA PRO D 160 -5.42 -29.29 -29.34
C PRO D 160 -4.43 -30.41 -29.00
N GLU D 161 -3.51 -30.74 -29.91
CA GLU D 161 -2.66 -31.94 -29.77
C GLU D 161 -1.67 -31.81 -28.63
N HIS D 162 -1.35 -30.57 -28.23
CA HIS D 162 -0.51 -30.33 -27.07
C HIS D 162 -1.24 -30.64 -25.76
N LEU D 163 -2.48 -30.16 -25.65
CA LEU D 163 -3.32 -30.42 -24.47
C LEU D 163 -3.44 -31.92 -24.17
N LEU D 164 -3.50 -32.73 -25.22
CA LEU D 164 -3.48 -34.18 -25.08
C LEU D 164 -2.15 -34.63 -24.49
N LYS D 165 -1.06 -34.09 -25.01
CA LYS D 165 0.27 -34.44 -24.52
C LYS D 165 0.46 -34.15 -23.03
N THR D 166 0.07 -32.96 -22.56
CA THR D 166 0.27 -32.62 -21.14
C THR D 166 -0.66 -33.44 -20.26
N ARG D 167 -1.87 -33.69 -20.73
CA ARG D 167 -2.79 -34.49 -19.94
C ARG D 167 -2.25 -35.90 -19.71
N ASN D 168 -1.57 -36.46 -20.69
CA ASN D 168 -0.97 -37.77 -20.51
C ASN D 168 0.13 -37.67 -19.48
N THR D 169 0.95 -36.63 -19.59
CA THR D 169 2.01 -36.35 -18.63
C THR D 169 1.51 -36.25 -17.20
N LEU D 170 0.46 -35.48 -16.98
CA LEU D 170 -0.12 -35.27 -15.66
C LEU D 170 -0.64 -36.62 -15.09
N GLU D 171 -1.30 -37.40 -15.93
CA GLU D 171 -1.86 -38.69 -15.52
C GLU D 171 -0.76 -39.71 -15.24
N LYS D 172 0.34 -39.60 -15.98
CA LYS D 172 1.52 -40.42 -15.78
C LYS D 172 2.15 -40.10 -14.43
N ILE D 173 2.28 -38.83 -14.09
CA ILE D 173 2.80 -38.48 -12.77
C ILE D 173 1.82 -39.00 -11.71
N LEU D 174 0.53 -38.69 -11.84
CA LEU D 174 -0.45 -39.19 -10.87
C LEU D 174 -0.35 -40.73 -10.69
N ALA D 175 -0.12 -41.46 -11.78
CA ALA D 175 -0.02 -42.92 -11.72
C ALA D 175 1.20 -43.40 -10.95
N GLU D 176 2.37 -42.88 -11.33
CA GLU D 176 3.61 -43.18 -10.62
C GLU D 176 3.51 -42.80 -9.13
N ASN D 177 2.81 -41.70 -8.83
CA ASN D 177 2.68 -41.21 -7.46
C ASN D 177 1.79 -42.06 -6.57
N SER D 178 0.84 -42.77 -7.18
CA SER D 178 -0.12 -43.61 -6.48
C SER D 178 0.05 -45.11 -6.72
N GLY D 179 1.05 -45.49 -7.50
CA GLY D 179 1.29 -46.90 -7.82
C GLY D 179 0.19 -47.54 -8.64
N GLN D 180 -0.65 -46.73 -9.27
CA GLN D 180 -1.75 -47.22 -10.08
C GLN D 180 -1.34 -47.30 -11.52
N SER D 181 -2.19 -47.93 -12.33
CA SER D 181 -2.04 -47.91 -13.77
C SER D 181 -2.56 -46.58 -14.32
N GLU D 183 -3.99 -46.16 -17.18
CA GLU D 183 -5.31 -46.47 -17.69
C GLU D 183 -6.34 -46.15 -16.60
N LYS D 184 -6.12 -46.68 -15.42
CA LYS D 184 -7.00 -46.43 -14.30
C LYS D 184 -7.17 -44.94 -14.01
N VAL D 185 -6.06 -44.21 -13.91
CA VAL D 185 -6.10 -42.80 -13.53
C VAL D 185 -6.84 -42.00 -14.61
N HIS D 186 -6.64 -42.38 -15.88
CA HIS D 186 -7.29 -41.72 -17.01
C HIS D 186 -8.82 -41.84 -16.88
N ALA D 187 -9.29 -43.04 -16.54
CA ALA D 187 -10.72 -43.27 -16.32
C ALA D 187 -11.29 -42.40 -15.19
N ASP D 188 -10.62 -42.41 -14.04
CA ASP D 188 -11.14 -41.76 -12.83
C ASP D 188 -11.05 -40.23 -12.87
N ALA D 189 -9.95 -39.72 -13.41
CA ALA D 189 -9.71 -38.29 -13.54
C ALA D 189 -10.79 -37.58 -14.35
N GLU D 190 -11.22 -38.21 -15.45
CA GLU D 190 -12.22 -37.61 -16.35
C GLU D 190 -13.64 -37.59 -15.77
N ARG D 191 -13.88 -38.35 -14.69
CA ARG D 191 -15.24 -38.49 -14.14
C ARG D 191 -15.61 -37.42 -13.08
N ASP D 192 -14.72 -36.45 -12.82
CA ASP D 192 -15.06 -35.26 -12.02
C ASP D 192 -15.81 -35.50 -10.69
N ASN D 193 -15.36 -36.52 -9.96
CA ASN D 193 -15.85 -36.74 -8.62
C ASN D 193 -14.80 -36.21 -7.66
N TRP D 194 -15.23 -35.84 -6.46
CA TRP D 194 -14.30 -35.51 -5.38
C TRP D 194 -14.03 -36.77 -4.57
N SER D 196 -12.88 -38.21 -0.68
CA SER D 196 -12.64 -37.96 0.73
C SER D 196 -11.21 -38.33 1.09
N ALA D 197 -10.83 -38.00 2.33
CA ALA D 197 -9.49 -38.27 2.84
C ALA D 197 -9.26 -39.75 2.83
N GLN D 198 -10.24 -40.52 3.31
CA GLN D 198 -10.16 -41.96 3.32
C GLN D 198 -9.93 -42.49 1.91
N GLU D 199 -10.72 -42.06 0.93
CA GLU D 199 -10.64 -42.59 -0.43
C GLU D 199 -9.29 -42.32 -1.07
N THR D 200 -8.66 -41.23 -0.66
CA THR D 200 -7.40 -40.75 -1.21
C THR D 200 -6.24 -41.55 -0.63
N LEU D 201 -6.41 -42.07 0.58
CA LEU D 201 -5.50 -43.08 1.15
C LEU D 201 -5.65 -44.42 0.40
N GLU D 202 -6.89 -44.83 0.14
CA GLU D 202 -7.14 -46.07 -0.58
C GLU D 202 -6.55 -45.97 -1.99
N TYR D 203 -6.57 -44.78 -2.59
CA TYR D 203 -6.10 -44.62 -3.97
C TYR D 203 -4.58 -44.65 -4.09
N GLY D 204 -3.86 -44.20 -3.07
CA GLY D 204 -2.41 -44.11 -3.12
C GLY D 204 -1.81 -42.70 -3.25
N PHE D 205 -2.64 -41.66 -3.18
CA PHE D 205 -2.13 -40.29 -3.30
C PHE D 205 -1.61 -39.71 -1.99
N ILE D 206 -2.07 -40.24 -0.86
CA ILE D 206 -1.50 -39.90 0.44
C ILE D 206 -1.07 -41.15 1.26
N ASP D 207 -0.34 -40.92 2.33
CA ASP D 207 0.17 -42.00 3.16
C ASP D 207 -0.45 -42.08 4.54
N GLU D 208 -1.12 -41.00 4.96
CA GLU D 208 -1.68 -40.93 6.30
C GLU D 208 -2.71 -39.81 6.40
N ILE D 209 -3.78 -40.07 7.12
CA ILE D 209 -4.71 -39.02 7.51
C ILE D 209 -4.29 -38.58 8.90
N ALA D 211 -4.79 -36.90 12.65
CA ALA D 211 -5.83 -37.29 13.57
C ALA D 211 -6.71 -36.15 14.05
N ASN D 212 -7.82 -36.53 14.67
CA ASN D 212 -8.61 -35.66 15.55
C ASN D 212 -8.20 -35.90 17.01
N ASN D 213 -7.16 -35.20 17.47
CA ASN D 213 -6.60 -35.33 18.83
C ASN D 213 -7.37 -34.52 19.90
N SER D 214 -8.58 -34.09 19.55
CA SER D 214 -9.34 -33.16 20.37
C SER D 214 -10.85 -33.28 20.08
N MET E 21 2.98 -9.81 0.73
CA MET E 21 3.07 -11.26 1.07
C MET E 21 4.23 -11.98 0.33
N ILE E 22 5.45 -11.52 0.56
CA ILE E 22 6.67 -12.18 0.11
C ILE E 22 7.51 -12.48 1.36
N PRO E 23 7.82 -13.74 1.63
CA PRO E 23 8.45 -14.08 2.92
C PRO E 23 9.85 -13.48 3.14
N VAL E 24 10.28 -13.60 4.39
CA VAL E 24 11.42 -12.87 4.90
C VAL E 24 12.33 -13.79 5.72
N VAL E 25 13.64 -13.63 5.51
CA VAL E 25 14.67 -14.30 6.31
C VAL E 25 15.54 -13.24 6.99
N ILE E 26 15.78 -13.39 8.29
CA ILE E 26 16.76 -12.55 8.99
C ILE E 26 18.14 -13.23 8.91
N GLU E 27 19.22 -12.44 8.82
CA GLU E 27 20.60 -12.99 8.70
C GLU E 27 21.58 -12.23 9.62
N ARG E 34 19.18 -6.34 8.14
CA ARG E 34 19.22 -7.75 8.52
C ARG E 34 18.03 -8.56 7.93
N SER E 35 17.04 -7.86 7.37
CA SER E 35 15.77 -8.47 6.90
C SER E 35 15.66 -8.60 5.36
N TYR E 36 16.24 -9.67 4.82
CA TYR E 36 16.13 -10.00 3.39
C TYR E 36 14.73 -10.51 3.07
N ASP E 37 14.21 -10.22 1.87
CA ASP E 37 13.03 -10.92 1.36
C ASP E 37 13.56 -12.14 0.60
N ILE E 38 12.71 -13.15 0.37
CA ILE E 38 13.23 -14.45 -0.09
C ILE E 38 14.05 -14.33 -1.38
N TYR E 39 13.71 -13.36 -2.24
CA TYR E 39 14.44 -13.13 -3.48
C TYR E 39 15.78 -12.40 -3.25
N SER E 40 15.82 -11.46 -2.32
CA SER E 40 17.07 -10.82 -1.91
C SER E 40 18.00 -11.78 -1.22
N ARG E 41 17.44 -12.74 -0.49
CA ARG E 41 18.27 -13.71 0.19
C ARG E 41 18.94 -14.59 -0.83
N LEU E 42 18.19 -15.04 -1.82
CA LEU E 42 18.75 -15.84 -2.90
C LEU E 42 19.76 -15.05 -3.74
N LEU E 43 19.61 -13.74 -3.81
CA LEU E 43 20.56 -12.86 -4.51
C LEU E 43 21.93 -12.82 -3.83
N LYS E 44 21.98 -12.96 -2.51
CA LYS E 44 23.26 -13.10 -1.78
C LYS E 44 24.07 -14.25 -2.35
N ASP E 45 23.37 -15.33 -2.74
CA ASP E 45 23.96 -16.51 -3.38
C ASP E 45 24.01 -16.39 -4.91
N ARG E 46 23.85 -15.17 -5.41
CA ARG E 46 23.93 -14.86 -6.84
C ARG E 46 22.88 -15.57 -7.70
N ILE E 47 21.66 -15.70 -7.15
CA ILE E 47 20.51 -16.25 -7.88
C ILE E 47 19.53 -15.14 -8.25
N ILE E 48 19.08 -15.13 -9.50
CA ILE E 48 18.06 -14.20 -9.98
C ILE E 48 16.90 -14.98 -10.56
N LEU E 50 13.40 -15.05 -12.95
CA LEU E 50 12.85 -14.38 -14.14
C LEU E 50 11.51 -15.00 -14.42
N THR E 51 10.44 -14.32 -14.04
CA THR E 51 9.11 -14.92 -14.09
C THR E 51 8.07 -14.02 -14.71
N GLY E 52 6.98 -14.64 -15.15
CA GLY E 52 5.91 -13.90 -15.78
C GLY E 52 6.34 -13.34 -17.13
N PRO E 53 5.49 -12.49 -17.70
CA PRO E 53 5.76 -11.91 -19.02
C PRO E 53 6.96 -10.97 -19.00
N VAL E 54 7.77 -10.96 -20.06
CA VAL E 54 8.92 -10.08 -20.12
C VAL E 54 8.44 -8.75 -20.68
N GLU E 55 8.56 -7.72 -19.86
CA GLU E 55 8.15 -6.37 -20.19
C GLU E 55 9.13 -5.44 -19.48
N ASP E 56 9.11 -4.16 -19.81
CA ASP E 56 10.16 -3.22 -19.34
C ASP E 56 10.51 -3.34 -17.84
N ASN E 57 9.52 -3.31 -16.96
CA ASN E 57 9.76 -3.21 -15.51
C ASN E 57 10.46 -4.39 -14.85
N ALA E 59 12.04 -6.62 -16.53
CA ALA E 59 13.26 -6.80 -17.29
C ALA E 59 14.34 -5.87 -16.77
N ASN E 60 13.96 -4.64 -16.44
CA ASN E 60 14.88 -3.67 -15.87
C ASN E 60 15.33 -4.08 -14.46
N SER E 61 14.56 -4.93 -13.81
CA SER E 61 14.88 -5.42 -12.47
C SER E 61 15.98 -6.48 -12.53
N VAL E 62 15.77 -7.45 -13.42
CA VAL E 62 16.72 -8.53 -13.71
C VAL E 62 18.08 -7.97 -14.12
N ILE E 63 18.04 -6.92 -14.94
CA ILE E 63 19.24 -6.22 -15.39
C ILE E 63 19.97 -5.56 -14.22
N ALA E 64 19.23 -4.84 -13.40
CA ALA E 64 19.82 -4.19 -12.24
C ALA E 64 20.51 -5.21 -11.31
N GLN E 65 19.92 -6.39 -11.20
CA GLN E 65 20.50 -7.49 -10.43
C GLN E 65 21.76 -8.04 -11.09
N LEU E 66 21.76 -8.14 -12.42
CA LEU E 66 22.92 -8.65 -13.16
C LEU E 66 24.10 -7.68 -13.07
N LEU E 67 23.80 -6.39 -13.23
CA LEU E 67 24.82 -5.35 -13.12
C LEU E 67 25.36 -5.29 -11.71
N PHE E 68 24.49 -5.49 -10.73
CA PHE E 68 24.87 -5.43 -9.32
C PHE E 68 25.77 -6.60 -8.99
N LEU E 69 25.35 -7.79 -9.42
CA LEU E 69 26.08 -9.04 -9.20
C LEU E 69 27.43 -9.04 -9.92
N ASP E 70 27.49 -8.47 -11.12
CA ASP E 70 28.77 -8.44 -11.84
C ASP E 70 29.79 -7.57 -11.12
N ALA E 71 29.33 -6.43 -10.60
CA ALA E 71 30.20 -5.53 -9.85
C ALA E 71 30.73 -6.17 -8.58
N GLN E 72 29.93 -7.05 -7.98
CA GLN E 72 30.29 -7.71 -6.72
C GLN E 72 31.46 -8.64 -6.94
N ASP E 73 31.42 -9.39 -8.04
CA ASP E 73 32.45 -10.36 -8.40
C ASP E 73 32.23 -10.78 -9.84
N SER E 74 33.18 -10.51 -10.71
CA SER E 74 33.05 -10.82 -12.14
C SER E 74 33.50 -12.25 -12.43
N THR E 75 34.22 -12.84 -11.48
CA THR E 75 34.79 -14.18 -11.67
C THR E 75 33.83 -15.29 -11.29
N LYS E 76 32.84 -14.97 -10.44
CA LYS E 76 31.87 -15.95 -9.95
C LYS E 76 30.62 -16.01 -10.85
N ASP E 77 30.14 -17.23 -11.11
CA ASP E 77 28.96 -17.43 -11.94
C ASP E 77 27.65 -16.93 -11.33
N ILE E 78 26.73 -16.50 -12.19
CA ILE E 78 25.37 -16.08 -11.82
C ILE E 78 24.37 -17.16 -12.27
N TYR E 79 23.42 -17.51 -11.42
CA TYR E 79 22.39 -18.52 -11.73
C TYR E 79 21.03 -17.87 -11.97
N LEU E 80 20.59 -17.92 -13.23
CA LEU E 80 19.37 -17.25 -13.67
C LEU E 80 18.23 -18.24 -13.96
N TYR E 81 17.24 -18.31 -13.08
CA TYR E 81 16.07 -19.16 -13.30
C TYR E 81 15.09 -18.45 -14.23
N VAL E 82 14.50 -19.20 -15.15
CA VAL E 82 13.76 -18.61 -16.25
C VAL E 82 12.43 -19.32 -16.41
N ASN E 83 11.34 -18.59 -16.18
CA ASN E 83 9.98 -19.15 -16.27
C ASN E 83 9.02 -18.11 -16.82
N THR E 84 8.86 -18.08 -18.14
CA THR E 84 8.15 -16.98 -18.80
C THR E 84 7.46 -17.36 -20.09
N PRO E 85 6.31 -16.76 -20.41
CA PRO E 85 5.67 -16.95 -21.71
C PRO E 85 6.34 -16.16 -22.86
N GLY E 86 7.23 -15.23 -22.52
CA GLY E 86 7.87 -14.37 -23.50
C GLY E 86 7.25 -12.98 -23.40
N GLY E 87 7.19 -12.27 -24.52
CA GLY E 87 6.72 -10.89 -24.54
C GLY E 87 7.60 -9.94 -25.34
N SER E 88 7.93 -8.78 -24.77
CA SER E 88 8.58 -7.70 -25.50
C SER E 88 9.98 -8.04 -25.96
N VAL E 89 10.25 -7.78 -27.25
CA VAL E 89 11.56 -8.03 -27.84
C VAL E 89 12.59 -7.06 -27.29
N SER E 90 12.24 -5.77 -27.22
CA SER E 90 13.16 -4.75 -26.72
C SER E 90 13.73 -5.06 -25.33
N ALA E 91 12.86 -5.32 -24.37
CA ALA E 91 13.23 -5.65 -22.99
C ALA E 91 13.99 -6.96 -22.85
N GLY E 92 13.56 -7.97 -23.61
CA GLY E 92 14.18 -9.28 -23.56
C GLY E 92 15.57 -9.27 -24.16
N LEU E 93 15.74 -8.47 -25.22
CA LEU E 93 17.02 -8.29 -25.88
C LEU E 93 17.96 -7.41 -25.03
N ALA E 94 17.38 -6.70 -24.07
CA ALA E 94 18.18 -5.95 -23.11
C ALA E 94 18.75 -6.87 -22.04
N ILE E 95 18.06 -8.00 -21.79
CA ILE E 95 18.53 -8.97 -20.82
C ILE E 95 19.67 -9.77 -21.46
N VAL E 96 19.45 -10.25 -22.67
CA VAL E 96 20.44 -10.97 -23.43
C VAL E 96 21.74 -10.14 -23.51
N ASP E 97 21.64 -8.87 -23.85
CA ASP E 97 22.83 -8.03 -24.05
C ASP E 97 23.57 -7.82 -22.73
N THR E 98 22.82 -7.67 -21.66
CA THR E 98 23.39 -7.45 -20.33
C THR E 98 24.10 -8.72 -19.90
N ASN E 100 25.40 -10.78 -21.87
CA ASN E 100 26.56 -10.93 -22.75
C ASN E 100 27.61 -9.91 -22.43
N PHE E 101 27.18 -8.72 -22.02
CA PHE E 101 28.10 -7.65 -21.72
C PHE E 101 28.95 -7.94 -20.49
N ILE E 102 28.36 -8.49 -19.42
CA ILE E 102 29.13 -8.75 -18.19
C ILE E 102 30.03 -9.98 -18.35
N LYS E 103 31.19 -9.95 -17.68
CA LYS E 103 32.22 -11.01 -17.81
C LYS E 103 31.80 -12.31 -17.11
N ALA E 104 31.15 -12.15 -15.97
CA ALA E 104 30.67 -13.26 -15.16
C ALA E 104 29.77 -14.10 -16.00
N ASP E 105 30.02 -15.41 -16.04
CA ASP E 105 29.18 -16.35 -16.79
C ASP E 105 27.77 -16.43 -16.19
N VAL E 106 26.76 -16.50 -17.03
CA VAL E 106 25.37 -16.55 -16.60
C VAL E 106 24.75 -17.90 -16.96
N GLN E 107 24.68 -18.81 -15.99
CA GLN E 107 23.96 -20.07 -16.16
C GLN E 107 22.48 -19.77 -16.15
N THR E 108 21.71 -20.52 -16.94
CA THR E 108 20.28 -20.31 -17.02
C THR E 108 19.56 -21.60 -16.73
N ILE E 109 18.58 -21.56 -15.84
CA ILE E 109 17.82 -22.76 -15.49
C ILE E 109 16.38 -22.56 -15.91
N VAL E 110 15.92 -23.38 -16.83
CA VAL E 110 14.56 -23.26 -17.33
C VAL E 110 13.67 -24.13 -16.47
N GLY E 112 9.35 -24.81 -15.58
CA GLY E 112 8.00 -24.54 -16.04
C GLY E 112 7.97 -24.40 -17.54
N ALA E 114 9.59 -21.83 -21.10
CA ALA E 114 10.21 -20.69 -21.73
C ALA E 114 9.68 -20.70 -23.16
N ALA E 115 8.94 -19.66 -23.52
CA ALA E 115 8.50 -19.47 -24.90
C ALA E 115 8.96 -18.13 -25.45
N SER E 116 8.93 -18.02 -26.78
CA SER E 116 9.32 -16.81 -27.49
C SER E 116 10.61 -16.18 -26.91
N GLY E 118 11.66 -15.79 -24.07
CA GLY E 118 12.15 -16.62 -22.99
C GLY E 118 13.21 -17.62 -23.40
N THR E 119 13.08 -18.19 -24.59
CA THR E 119 14.11 -19.09 -25.12
C THR E 119 15.35 -18.36 -25.66
N VAL E 120 15.17 -17.18 -26.25
CA VAL E 120 16.30 -16.33 -26.65
C VAL E 120 17.21 -16.00 -25.45
N ILE E 121 16.57 -15.77 -24.32
CA ILE E 121 17.25 -15.42 -23.06
C ILE E 121 17.92 -16.65 -22.44
N ALA E 122 17.15 -17.74 -22.28
CA ALA E 122 17.61 -18.97 -21.66
C ALA E 122 18.70 -19.61 -22.50
N SER E 123 18.52 -19.55 -23.81
CA SER E 123 19.48 -20.08 -24.79
C SER E 123 20.80 -19.39 -24.72
N SER E 124 20.78 -18.10 -24.40
CA SER E 124 21.96 -17.26 -24.41
C SER E 124 22.79 -17.39 -23.13
N GLY E 125 22.45 -18.36 -22.28
CA GLY E 125 23.31 -18.70 -21.14
C GLY E 125 24.70 -19.13 -21.62
N ALA E 126 25.65 -19.20 -20.70
CA ALA E 126 27.01 -19.57 -21.04
C ALA E 126 26.98 -21.03 -21.47
N LYS E 127 27.75 -21.35 -22.52
CA LYS E 127 27.84 -22.71 -23.07
C LYS E 127 28.27 -23.73 -22.00
N GLY E 128 27.53 -24.85 -21.94
CA GLY E 128 27.73 -25.88 -20.94
C GLY E 128 26.91 -25.68 -19.69
N LYS E 129 26.42 -24.46 -19.48
CA LYS E 129 25.78 -24.07 -18.23
C LYS E 129 24.30 -23.67 -18.43
N ARG E 130 23.63 -24.38 -19.34
CA ARG E 130 22.23 -24.11 -19.67
C ARG E 130 21.43 -25.36 -19.33
N PHE E 131 20.68 -25.29 -18.24
CA PHE E 131 19.92 -26.44 -17.75
C PHE E 131 18.42 -26.26 -17.96
N LEU E 133 14.60 -28.19 -16.21
CA LEU E 133 13.94 -29.21 -15.37
C LEU E 133 13.12 -30.17 -16.24
N PRO E 134 13.02 -31.43 -15.82
CA PRO E 134 12.44 -32.49 -16.65
C PRO E 134 11.09 -32.21 -17.29
N ASN E 135 10.23 -31.46 -16.62
CA ASN E 135 8.85 -31.29 -17.09
C ASN E 135 8.57 -29.94 -17.72
N ALA E 136 9.57 -29.07 -17.75
CA ALA E 136 9.50 -27.79 -18.44
C ALA E 136 9.29 -27.96 -19.95
N GLU E 137 8.83 -26.92 -20.64
CA GLU E 137 8.63 -26.97 -22.10
C GLU E 137 9.23 -25.74 -22.82
N TYR E 138 9.62 -25.94 -24.08
CA TYR E 138 10.30 -24.95 -24.89
C TYR E 138 9.49 -24.62 -26.16
N ILE E 140 10.23 -21.98 -29.46
CA ILE E 140 11.16 -21.02 -30.05
C ILE E 140 10.47 -20.03 -31.00
N HIS E 141 9.18 -20.24 -31.22
CA HIS E 141 8.36 -19.32 -32.03
C HIS E 141 8.43 -17.90 -31.48
N GLN E 142 8.59 -16.94 -32.38
CA GLN E 142 8.66 -15.53 -32.00
C GLN E 142 7.52 -14.75 -32.66
N PRO E 143 6.42 -14.50 -31.92
CA PRO E 143 5.33 -13.67 -32.45
C PRO E 143 5.64 -12.17 -32.41
N ALA E 159 5.35 -1.29 -38.09
CA ALA E 159 6.20 -1.13 -39.26
C ALA E 159 6.64 -2.50 -39.78
N PRO E 160 6.01 -2.99 -40.84
CA PRO E 160 6.28 -4.35 -41.38
C PRO E 160 7.75 -4.71 -41.65
N GLU E 161 8.50 -3.92 -42.42
CA GLU E 161 9.91 -4.24 -42.69
C GLU E 161 10.71 -4.41 -41.40
N HIS E 162 10.41 -3.57 -40.42
CA HIS E 162 11.11 -3.60 -39.14
C HIS E 162 10.85 -4.90 -38.40
N LEU E 163 9.59 -5.35 -38.36
CA LEU E 163 9.23 -6.62 -37.73
C LEU E 163 10.01 -7.77 -38.34
N LEU E 164 10.24 -7.73 -39.64
CA LEU E 164 10.94 -8.79 -40.34
C LEU E 164 12.44 -8.77 -40.07
N LYS E 165 12.99 -7.59 -39.76
CA LYS E 165 14.39 -7.47 -39.41
C LYS E 165 14.62 -7.97 -37.98
N THR E 166 13.65 -7.72 -37.12
CA THR E 166 13.73 -8.17 -35.73
C THR E 166 13.63 -9.70 -35.64
N ARG E 167 12.75 -10.31 -36.40
CA ARG E 167 12.61 -11.78 -36.42
C ARG E 167 13.85 -12.48 -36.99
N ASN E 168 14.49 -11.88 -37.99
CA ASN E 168 15.74 -12.43 -38.52
C ASN E 168 16.83 -12.34 -37.44
N THR E 169 16.84 -11.24 -36.67
CA THR E 169 17.81 -11.07 -35.60
C THR E 169 17.68 -12.15 -34.53
N LEU E 170 16.45 -12.54 -34.19
CA LEU E 170 16.20 -13.48 -33.10
C LEU E 170 16.50 -14.89 -33.54
N GLU E 171 16.06 -15.22 -34.74
CA GLU E 171 16.33 -16.52 -35.34
C GLU E 171 17.82 -16.70 -35.58
N LYS E 172 18.55 -15.60 -35.75
CA LYS E 172 20.01 -15.68 -35.94
C LYS E 172 20.68 -16.00 -34.61
N ILE E 173 20.16 -15.42 -33.53
CA ILE E 173 20.69 -15.67 -32.19
C ILE E 173 20.39 -17.11 -31.77
N LEU E 174 19.23 -17.62 -32.14
CA LEU E 174 18.82 -18.94 -31.73
C LEU E 174 19.66 -19.96 -32.47
N ALA E 175 19.94 -19.71 -33.75
CA ALA E 175 20.85 -20.56 -34.53
C ALA E 175 22.25 -20.63 -33.92
N GLU E 176 22.81 -19.48 -33.56
CA GLU E 176 24.13 -19.44 -32.92
C GLU E 176 24.16 -20.13 -31.59
N ASN E 177 23.05 -20.10 -30.85
CA ASN E 177 22.99 -20.71 -29.52
C ASN E 177 22.80 -22.22 -29.59
N SER E 178 22.32 -22.72 -30.74
CA SER E 178 21.96 -24.14 -30.87
C SER E 178 22.89 -24.93 -31.80
N GLY E 179 23.84 -24.24 -32.44
CA GLY E 179 24.70 -24.86 -33.43
C GLY E 179 23.97 -25.38 -34.65
N GLN E 180 22.83 -24.75 -34.94
CA GLN E 180 21.98 -25.14 -36.05
C GLN E 180 22.02 -24.08 -37.12
N SER E 181 21.44 -24.39 -38.27
CA SER E 181 21.41 -23.47 -39.41
C SER E 181 20.24 -22.50 -39.30
N GLU E 183 18.21 -21.70 -41.64
CA GLU E 183 17.07 -22.24 -42.39
C GLU E 183 16.28 -23.24 -41.54
N LYS E 184 16.98 -24.01 -40.72
CA LYS E 184 16.35 -25.01 -39.87
C LYS E 184 15.52 -24.34 -38.80
N VAL E 185 16.08 -23.30 -38.18
CA VAL E 185 15.44 -22.58 -37.11
C VAL E 185 14.21 -21.87 -37.65
N HIS E 186 14.37 -21.20 -38.78
CA HIS E 186 13.29 -20.45 -39.42
C HIS E 186 12.08 -21.34 -39.71
N ALA E 187 12.33 -22.56 -40.16
CA ALA E 187 11.26 -23.53 -40.45
C ALA E 187 10.61 -24.11 -39.18
N ASP E 188 11.43 -24.44 -38.17
CA ASP E 188 10.93 -25.03 -36.93
C ASP E 188 10.12 -24.03 -36.10
N ALA E 189 10.42 -22.75 -36.26
CA ALA E 189 9.80 -21.70 -35.46
C ALA E 189 8.44 -21.24 -35.99
N GLU E 190 8.19 -21.38 -37.31
CA GLU E 190 6.87 -20.99 -37.88
C GLU E 190 5.82 -22.06 -37.65
N ARG E 191 6.20 -23.13 -36.96
CA ARG E 191 5.25 -24.03 -36.32
C ARG E 191 4.98 -23.45 -34.92
N ASP E 192 3.81 -23.75 -34.37
CA ASP E 192 3.58 -23.53 -32.94
C ASP E 192 3.75 -24.90 -32.26
N ASN E 193 4.98 -25.17 -31.82
CA ASN E 193 5.45 -26.51 -31.50
C ASN E 193 6.18 -26.56 -30.17
N TRP E 194 5.58 -27.22 -29.19
CA TRP E 194 6.19 -27.35 -27.88
C TRP E 194 7.17 -28.48 -27.85
N SER E 196 9.72 -30.95 -25.45
CA SER E 196 10.11 -31.53 -24.16
C SER E 196 11.55 -31.09 -23.87
N ALA E 197 12.10 -31.54 -22.74
CA ALA E 197 13.47 -31.19 -22.39
C ALA E 197 14.41 -32.03 -23.26
N GLN E 198 14.09 -33.31 -23.39
CA GLN E 198 14.85 -34.19 -24.30
C GLN E 198 15.00 -33.56 -25.70
N GLU E 199 13.87 -33.26 -26.34
CA GLU E 199 13.88 -32.58 -27.63
C GLU E 199 14.75 -31.31 -27.61
N THR E 200 14.68 -30.53 -26.53
CA THR E 200 15.42 -29.26 -26.45
C THR E 200 16.92 -29.50 -26.29
N LEU E 201 17.30 -30.61 -25.68
CA LEU E 201 18.72 -30.97 -25.56
C LEU E 201 19.28 -31.40 -26.91
N GLU E 202 18.49 -32.16 -27.67
CA GLU E 202 18.83 -32.63 -29.02
C GLU E 202 19.07 -31.44 -29.93
N TYR E 203 18.15 -30.49 -29.91
CA TYR E 203 18.30 -29.25 -30.64
C TYR E 203 19.57 -28.50 -30.24
N GLY E 204 19.92 -28.55 -28.96
CA GLY E 204 21.09 -27.90 -28.42
C GLY E 204 20.83 -26.49 -27.90
N PHE E 205 19.63 -26.26 -27.38
CA PHE E 205 19.30 -25.01 -26.70
C PHE E 205 19.73 -25.05 -25.23
N ILE E 206 19.83 -26.27 -24.69
CA ILE E 206 20.42 -26.53 -23.38
C ILE E 206 21.60 -27.51 -23.47
N ASP E 207 22.24 -27.74 -22.34
CA ASP E 207 23.36 -28.66 -22.20
C ASP E 207 23.05 -29.85 -21.29
N GLU E 208 22.26 -29.64 -20.24
CA GLU E 208 21.90 -30.70 -19.28
C GLU E 208 20.44 -30.60 -18.85
N ILE E 209 19.73 -31.72 -18.85
CA ILE E 209 18.47 -31.83 -18.14
C ILE E 209 18.77 -32.21 -16.68
N ALA E 211 18.15 -33.42 -12.59
CA ALA E 211 17.63 -34.67 -12.05
C ALA E 211 16.21 -34.63 -11.44
N ASN E 212 15.57 -35.79 -11.45
CA ASN E 212 14.43 -36.10 -10.58
C ASN E 212 14.92 -36.97 -9.41
N ASN E 213 15.34 -36.32 -8.31
CA ASN E 213 16.05 -37.00 -7.23
C ASN E 213 15.19 -37.73 -6.16
N SER E 214 13.90 -37.92 -6.42
CA SER E 214 12.99 -38.48 -5.42
C SER E 214 12.84 -39.99 -5.57
N MET F 21 8.32 -2.61 -3.59
CA MET F 21 9.76 -2.49 -3.97
C MET F 21 10.33 -3.85 -4.34
N ILE F 22 11.26 -3.90 -5.29
CA ILE F 22 11.81 -5.17 -5.81
C ILE F 22 13.23 -5.39 -5.20
N PRO F 23 13.88 -6.55 -5.38
CA PRO F 23 14.85 -7.08 -4.43
C PRO F 23 15.28 -6.22 -3.22
N VAL F 24 14.57 -6.52 -2.14
CA VAL F 24 14.48 -5.68 -0.95
C VAL F 24 15.20 -6.24 0.28
N VAL F 25 16.14 -5.44 0.80
CA VAL F 25 16.78 -5.66 2.09
C VAL F 25 16.30 -4.53 3.05
N ILE F 26 16.33 -4.73 4.38
CA ILE F 26 16.06 -3.62 5.31
C ILE F 26 17.09 -3.57 6.44
N SER F 35 12.69 -1.75 1.93
CA SER F 35 12.82 -0.38 1.44
C SER F 35 14.07 -0.20 0.58
N TYR F 36 15.15 -0.95 0.88
CA TYR F 36 16.47 -0.79 0.21
C TYR F 36 16.58 -1.59 -1.08
N ASP F 37 16.18 -0.92 -2.16
CA ASP F 37 16.00 -1.47 -3.48
C ASP F 37 17.28 -2.08 -4.06
N ILE F 38 17.13 -2.89 -5.11
CA ILE F 38 18.25 -3.16 -5.99
C ILE F 38 18.77 -1.86 -6.62
N TYR F 39 17.87 -0.97 -7.05
CA TYR F 39 18.24 0.31 -7.68
C TYR F 39 19.01 1.24 -6.76
N SER F 40 18.73 1.13 -5.47
CA SER F 40 19.36 1.96 -4.45
C SER F 40 20.78 1.46 -4.11
N ARG F 41 21.04 0.16 -4.37
CA ARG F 41 22.41 -0.39 -4.30
C ARG F 41 23.27 0.12 -5.43
N LEU F 42 22.70 0.09 -6.64
CA LEU F 42 23.38 0.63 -7.83
C LEU F 42 23.68 2.13 -7.66
N LEU F 43 22.84 2.84 -6.92
CA LEU F 43 23.01 4.28 -6.69
C LEU F 43 24.20 4.61 -5.79
N LYS F 44 24.51 3.75 -4.83
CA LYS F 44 25.75 3.87 -4.04
C LYS F 44 26.95 3.91 -4.98
N ASP F 45 26.90 3.13 -6.05
CA ASP F 45 27.94 3.14 -7.08
C ASP F 45 27.65 4.13 -8.25
N ARG F 46 26.82 5.12 -7.97
CA ARG F 46 26.55 6.27 -8.86
C ARG F 46 25.82 5.98 -10.18
N ILE F 47 25.05 4.89 -10.19
CA ILE F 47 24.23 4.47 -11.33
C ILE F 47 22.76 4.83 -11.14
N ILE F 48 22.11 5.24 -12.22
CA ILE F 48 20.72 5.69 -12.18
C ILE F 48 20.04 4.98 -13.32
N LEU F 50 17.01 4.97 -15.85
CA LEU F 50 15.94 5.73 -16.48
C LEU F 50 15.15 4.73 -17.31
N THR F 51 13.87 4.59 -17.00
CA THR F 51 13.09 3.41 -17.37
C THR F 51 11.61 3.75 -17.53
N GLY F 52 10.96 3.12 -18.51
CA GLY F 52 9.58 3.42 -18.79
C GLY F 52 9.42 4.78 -19.44
N PRO F 53 8.18 5.16 -19.68
CA PRO F 53 7.90 6.46 -20.32
C PRO F 53 8.37 7.61 -19.47
N VAL F 54 8.98 8.62 -20.08
CA VAL F 54 9.38 9.80 -19.32
C VAL F 54 8.14 10.68 -19.11
N GLU F 55 7.71 10.76 -17.85
CA GLU F 55 6.67 11.69 -17.38
C GLU F 55 7.21 12.40 -16.13
N ASP F 56 6.51 13.40 -15.60
CA ASP F 56 7.04 14.23 -14.51
C ASP F 56 7.58 13.44 -13.31
N ASN F 57 6.86 12.42 -12.86
CA ASN F 57 7.27 11.71 -11.66
C ASN F 57 8.60 10.98 -11.70
N ALA F 59 10.88 11.51 -13.94
CA ALA F 59 11.88 12.51 -14.28
C ALA F 59 12.41 13.21 -13.03
N ASN F 60 11.52 13.57 -12.12
CA ASN F 60 11.94 14.20 -10.88
C ASN F 60 12.71 13.23 -9.94
N SER F 61 12.44 11.93 -10.04
CA SER F 61 13.22 10.91 -9.32
C SER F 61 14.65 10.81 -9.86
N VAL F 62 14.78 10.80 -11.18
CA VAL F 62 16.07 10.85 -11.85
C VAL F 62 16.78 12.16 -11.51
N ILE F 63 16.07 13.28 -11.52
CA ILE F 63 16.70 14.58 -11.26
C ILE F 63 17.21 14.67 -9.84
N ALA F 64 16.43 14.16 -8.88
CA ALA F 64 16.81 14.18 -7.47
C ALA F 64 18.06 13.32 -7.29
N GLN F 65 18.13 12.19 -8.00
CA GLN F 65 19.27 11.29 -7.92
C GLN F 65 20.54 11.97 -8.45
N LEU F 66 20.38 12.81 -9.47
CA LEU F 66 21.50 13.52 -10.07
C LEU F 66 22.02 14.63 -9.13
N LEU F 67 21.13 15.44 -8.56
CA LEU F 67 21.58 16.50 -7.69
C LEU F 67 22.25 15.89 -6.46
N PHE F 68 21.73 14.74 -6.00
CA PHE F 68 22.35 14.01 -4.90
C PHE F 68 23.77 13.53 -5.24
N LEU F 69 23.95 12.88 -6.38
CA LEU F 69 25.24 12.35 -6.74
C LEU F 69 26.22 13.47 -7.02
N ASP F 70 25.73 14.54 -7.62
CA ASP F 70 26.61 15.68 -7.84
C ASP F 70 27.12 16.23 -6.53
N ALA F 71 26.21 16.36 -5.57
CA ALA F 71 26.52 16.96 -4.28
C ALA F 71 27.48 16.10 -3.47
N GLN F 72 27.39 14.78 -3.62
CA GLN F 72 28.31 13.87 -2.92
C GLN F 72 29.74 14.09 -3.41
N ASP F 73 29.88 14.22 -4.72
CA ASP F 73 31.19 14.27 -5.35
C ASP F 73 31.00 14.67 -6.82
N SER F 74 31.17 15.96 -7.09
CA SER F 74 31.03 16.47 -8.46
C SER F 74 32.20 16.10 -9.38
N THR F 75 33.11 15.24 -8.93
CA THR F 75 34.24 14.83 -9.75
C THR F 75 34.22 13.38 -10.20
N LYS F 76 33.36 12.54 -9.62
CA LYS F 76 33.18 11.17 -10.15
C LYS F 76 32.04 11.15 -11.18
N ASP F 77 32.17 10.34 -12.22
CA ASP F 77 31.14 10.22 -13.24
C ASP F 77 29.86 9.61 -12.68
N ILE F 78 28.76 9.83 -13.38
CA ILE F 78 27.46 9.23 -13.06
C ILE F 78 27.12 8.36 -14.26
N TYR F 79 26.47 7.22 -14.04
CA TYR F 79 26.12 6.33 -15.16
C TYR F 79 24.60 6.16 -15.30
N LEU F 80 24.06 6.74 -16.37
CA LEU F 80 22.62 6.89 -16.57
C LEU F 80 22.18 5.88 -17.58
N TYR F 81 21.67 4.76 -17.12
CA TYR F 81 21.12 3.76 -18.02
C TYR F 81 19.73 4.20 -18.48
N VAL F 82 19.50 4.16 -19.79
CA VAL F 82 18.28 4.68 -20.43
C VAL F 82 17.62 3.55 -21.21
N ASN F 83 16.32 3.34 -20.97
CA ASN F 83 15.48 2.40 -21.72
C ASN F 83 14.07 2.94 -21.70
N THR F 84 13.72 3.80 -22.65
CA THR F 84 12.43 4.47 -22.65
C THR F 84 11.87 4.65 -24.07
N PRO F 85 10.55 4.49 -24.22
CA PRO F 85 9.84 4.83 -25.47
C PRO F 85 9.69 6.33 -25.68
N GLY F 86 9.86 7.12 -24.63
CA GLY F 86 9.81 8.59 -24.76
C GLY F 86 8.74 9.16 -23.87
N GLY F 87 8.10 10.23 -24.32
CA GLY F 87 7.09 10.89 -23.50
C GLY F 87 7.30 12.39 -23.35
N SER F 88 6.94 12.90 -22.17
CA SER F 88 6.86 14.33 -21.92
C SER F 88 8.15 15.07 -22.23
N VAL F 89 8.02 16.10 -23.08
CA VAL F 89 9.14 16.94 -23.51
C VAL F 89 9.67 17.81 -22.38
N SER F 90 8.76 18.42 -21.64
CA SER F 90 9.13 19.27 -20.53
C SER F 90 9.97 18.52 -19.49
N ALA F 91 9.55 17.28 -19.15
CA ALA F 91 10.22 16.47 -18.13
C ALA F 91 11.52 15.94 -18.64
N GLY F 92 11.60 15.70 -19.95
CA GLY F 92 12.78 15.10 -20.55
C GLY F 92 13.86 16.13 -20.65
N LEU F 93 13.45 17.34 -21.00
CA LEU F 93 14.37 18.48 -21.12
C LEU F 93 14.79 18.97 -19.74
N ALA F 94 13.98 18.69 -18.70
CA ALA F 94 14.40 19.02 -17.35
C ALA F 94 15.53 18.07 -16.91
N ILE F 95 15.39 16.79 -17.17
CA ILE F 95 16.49 15.85 -16.94
C ILE F 95 17.76 16.31 -17.69
N VAL F 96 17.62 16.70 -18.95
CA VAL F 96 18.74 17.18 -19.76
C VAL F 96 19.42 18.44 -19.28
N ASP F 97 18.67 19.44 -18.87
CA ASP F 97 19.29 20.63 -18.32
C ASP F 97 19.98 20.32 -16.99
N THR F 98 19.34 19.48 -16.18
CA THR F 98 19.95 18.99 -14.96
C THR F 98 21.29 18.30 -15.29
N ASN F 100 23.37 18.63 -17.92
CA ASN F 100 24.33 19.61 -18.38
C ASN F 100 24.80 20.49 -17.22
N PHE F 101 23.87 20.83 -16.32
CA PHE F 101 24.16 21.76 -15.24
C PHE F 101 25.09 21.18 -14.15
N ILE F 102 24.99 19.88 -13.84
CA ILE F 102 25.84 19.30 -12.78
C ILE F 102 27.23 19.08 -13.32
N LYS F 103 28.26 19.52 -12.60
CA LYS F 103 29.63 19.48 -13.13
C LYS F 103 30.01 18.06 -13.54
N ALA F 104 29.60 17.10 -12.73
CA ALA F 104 29.93 15.69 -12.97
C ALA F 104 29.47 15.25 -14.35
N ASP F 105 30.32 14.55 -15.09
CA ASP F 105 29.94 14.00 -16.37
C ASP F 105 28.95 12.87 -16.20
N VAL F 106 27.87 12.93 -16.96
CA VAL F 106 26.85 11.88 -16.99
C VAL F 106 27.08 11.02 -18.23
N GLN F 107 27.67 9.85 -18.04
CA GLN F 107 27.67 8.82 -19.07
C GLN F 107 26.26 8.30 -19.24
N THR F 108 25.90 7.94 -20.47
CA THR F 108 24.60 7.30 -20.73
C THR F 108 24.79 5.98 -21.46
N ILE F 109 23.85 5.06 -21.23
CA ILE F 109 23.93 3.71 -21.76
C ILE F 109 22.55 3.35 -22.26
N VAL F 110 22.36 3.31 -23.58
CA VAL F 110 21.08 2.88 -24.10
C VAL F 110 21.02 1.36 -24.07
N GLY F 112 17.93 -1.79 -24.79
CA GLY F 112 16.61 -2.09 -25.28
C GLY F 112 16.21 -1.09 -26.35
N ALA F 114 15.85 3.57 -27.10
CA ALA F 114 15.61 4.95 -26.81
C ALA F 114 14.84 5.53 -27.99
N ALA F 115 13.67 6.10 -27.69
CA ALA F 115 12.85 6.82 -28.68
C ALA F 115 12.32 8.17 -28.15
N SER F 116 11.93 9.06 -29.06
CA SER F 116 11.37 10.38 -28.71
C SER F 116 12.42 11.04 -27.81
N GLY F 118 13.90 9.92 -25.21
CA GLY F 118 14.98 9.02 -24.88
C GLY F 118 16.27 9.26 -25.67
N THR F 119 16.15 9.66 -26.93
CA THR F 119 17.32 10.00 -27.75
C THR F 119 17.91 11.36 -27.44
N VAL F 120 17.05 12.34 -27.16
CA VAL F 120 17.51 13.65 -26.70
C VAL F 120 18.36 13.53 -25.41
N ILE F 121 17.86 12.70 -24.49
CA ILE F 121 18.47 12.50 -23.16
C ILE F 121 19.78 11.77 -23.31
N ALA F 122 19.70 10.58 -23.93
CA ALA F 122 20.85 9.69 -24.06
C ALA F 122 21.98 10.39 -24.81
N SER F 123 21.67 11.01 -25.96
CA SER F 123 22.68 11.73 -26.77
C SER F 123 23.33 12.99 -26.09
N SER F 124 22.59 13.61 -25.18
CA SER F 124 23.08 14.74 -24.38
C SER F 124 24.06 14.31 -23.29
N GLY F 125 24.34 13.03 -23.16
CA GLY F 125 25.37 12.58 -22.22
C GLY F 125 26.73 13.13 -22.63
N ALA F 126 27.72 12.99 -21.74
CA ALA F 126 29.05 13.56 -21.94
C ALA F 126 29.68 13.00 -23.21
N LYS F 127 30.08 13.90 -24.10
CA LYS F 127 30.72 13.53 -25.37
C LYS F 127 31.93 12.61 -25.07
N GLY F 128 32.01 11.49 -25.78
CA GLY F 128 32.93 10.41 -25.47
C GLY F 128 32.54 9.35 -24.41
N LYS F 129 31.37 9.47 -23.78
CA LYS F 129 30.91 8.52 -22.75
C LYS F 129 29.44 8.10 -22.94
N ARG F 130 29.00 8.09 -24.20
CA ARG F 130 27.65 7.67 -24.56
C ARG F 130 27.73 6.30 -25.20
N PHE F 131 27.07 5.32 -24.60
CA PHE F 131 27.16 3.91 -24.99
C PHE F 131 25.82 3.32 -25.38
N LEU F 133 23.84 -0.79 -26.21
CA LEU F 133 23.90 -2.23 -26.30
C LEU F 133 23.72 -2.62 -27.75
N PRO F 134 24.25 -3.77 -28.14
CA PRO F 134 24.33 -4.13 -29.56
C PRO F 134 23.00 -4.35 -30.22
N ASN F 135 22.03 -4.92 -29.50
CA ASN F 135 20.72 -5.18 -30.08
C ASN F 135 19.66 -4.15 -29.81
N ALA F 136 20.01 -3.10 -29.08
CA ALA F 136 19.08 -2.00 -28.82
C ALA F 136 18.80 -1.22 -30.10
N GLU F 137 17.73 -0.42 -30.12
CA GLU F 137 17.41 0.41 -31.28
C GLU F 137 17.14 1.86 -30.84
N TYR F 138 17.08 2.79 -31.79
CA TYR F 138 17.15 4.23 -31.49
C TYR F 138 16.22 4.89 -32.45
N ILE F 140 14.81 8.86 -33.44
CA ILE F 140 14.92 10.29 -33.20
C ILE F 140 13.69 11.06 -33.63
N HIS F 141 12.67 10.38 -34.16
CA HIS F 141 11.42 11.06 -34.45
C HIS F 141 10.86 11.63 -33.14
N GLN F 142 10.49 12.90 -33.17
CA GLN F 142 9.88 13.54 -32.04
C GLN F 142 8.40 13.85 -32.36
N PRO F 143 7.49 12.97 -31.93
CA PRO F 143 6.04 13.21 -32.06
C PRO F 143 5.56 14.15 -30.97
N ALA F 159 -1.05 24.62 -28.32
CA ALA F 159 -1.03 25.45 -29.53
C ALA F 159 0.04 24.95 -30.51
N PRO F 160 -0.22 24.95 -31.83
CA PRO F 160 0.67 24.26 -32.76
C PRO F 160 1.94 25.04 -33.06
N GLU F 161 1.82 26.36 -33.16
CA GLU F 161 2.97 27.26 -33.31
C GLU F 161 4.03 26.98 -32.27
N HIS F 162 3.60 26.63 -31.06
CA HIS F 162 4.54 26.33 -29.97
C HIS F 162 5.15 24.92 -30.08
N LEU F 163 4.34 23.93 -30.48
CA LEU F 163 4.81 22.56 -30.65
C LEU F 163 5.95 22.49 -31.69
N LEU F 164 5.76 23.22 -32.78
CA LEU F 164 6.75 23.35 -33.86
C LEU F 164 8.06 23.96 -33.37
N LYS F 165 7.96 24.99 -32.54
CA LYS F 165 9.12 25.62 -31.91
C LYS F 165 9.89 24.61 -31.03
N THR F 166 9.16 23.90 -30.19
CA THR F 166 9.71 22.86 -29.33
C THR F 166 10.40 21.75 -30.14
N ARG F 167 9.80 21.34 -31.25
CA ARG F 167 10.40 20.32 -32.11
C ARG F 167 11.69 20.80 -32.75
N ASN F 168 11.77 22.10 -33.00
CA ASN F 168 12.98 22.70 -33.53
C ASN F 168 14.06 22.74 -32.47
N THR F 169 13.70 23.16 -31.25
CA THR F 169 14.66 23.15 -30.17
C THR F 169 15.20 21.74 -29.97
N LEU F 170 14.30 20.75 -30.10
CA LEU F 170 14.64 19.35 -29.90
C LEU F 170 15.55 18.87 -30.98
N GLU F 171 15.32 19.32 -32.21
CA GLU F 171 16.14 18.92 -33.34
C GLU F 171 17.51 19.63 -33.28
N LYS F 172 17.51 20.94 -33.10
CA LYS F 172 18.72 21.70 -32.72
C LYS F 172 19.60 20.87 -31.79
N ILE F 173 19.02 20.28 -30.75
CA ILE F 173 19.80 19.64 -29.70
C ILE F 173 20.41 18.32 -30.18
N LEU F 174 19.63 17.56 -30.95
CA LEU F 174 20.13 16.34 -31.57
C LEU F 174 21.28 16.63 -32.57
N ALA F 175 21.23 17.79 -33.21
CA ALA F 175 22.27 18.21 -34.13
C ALA F 175 23.54 18.56 -33.33
N GLU F 176 23.42 19.39 -32.30
CA GLU F 176 24.55 19.69 -31.43
C GLU F 176 25.17 18.40 -30.90
N ASN F 177 24.33 17.42 -30.54
CA ASN F 177 24.79 16.18 -29.91
C ASN F 177 25.48 15.19 -30.89
N SER F 178 25.18 15.31 -32.18
CA SER F 178 25.71 14.39 -33.18
C SER F 178 26.70 15.04 -34.15
N GLY F 179 26.98 16.32 -34.00
CA GLY F 179 27.77 17.07 -34.95
C GLY F 179 27.17 17.19 -36.34
N GLN F 180 25.93 16.75 -36.51
CA GLN F 180 25.29 16.76 -37.82
C GLN F 180 24.60 18.10 -38.05
N SER F 181 24.19 18.32 -39.29
CA SER F 181 23.46 19.54 -39.62
C SER F 181 22.03 19.40 -39.14
N GLU F 183 19.41 20.52 -40.70
CA GLU F 183 18.59 20.14 -41.86
C GLU F 183 18.56 18.63 -42.12
N LYS F 184 19.70 17.98 -41.87
CA LYS F 184 19.79 16.52 -41.96
C LYS F 184 18.91 15.82 -40.89
N VAL F 185 18.97 16.35 -39.66
CA VAL F 185 18.26 15.79 -38.51
C VAL F 185 16.76 15.93 -38.69
N HIS F 186 16.31 17.13 -39.09
CA HIS F 186 14.90 17.39 -39.39
C HIS F 186 14.40 16.39 -40.43
N ALA F 187 15.17 16.25 -41.49
CA ALA F 187 14.87 15.37 -42.62
C ALA F 187 14.83 13.90 -42.24
N ASP F 188 15.72 13.49 -41.33
CA ASP F 188 15.86 12.10 -40.88
C ASP F 188 14.82 11.73 -39.84
N ALA F 189 14.41 12.72 -39.05
CA ALA F 189 13.49 12.56 -37.93
C ALA F 189 12.04 12.40 -38.37
N GLU F 190 11.64 13.01 -39.49
CA GLU F 190 10.23 12.96 -39.93
C GLU F 190 9.84 11.56 -40.37
N ARG F 191 10.85 10.76 -40.71
CA ARG F 191 10.69 9.33 -40.94
C ARG F 191 10.48 8.59 -39.59
N ASP F 192 9.76 7.47 -39.64
CA ASP F 192 9.51 6.62 -38.46
C ASP F 192 10.36 5.36 -38.56
N ASN F 193 11.66 5.57 -38.79
CA ASN F 193 12.62 4.48 -38.91
C ASN F 193 13.44 4.28 -37.62
N TRP F 194 13.62 3.02 -37.25
CA TRP F 194 14.50 2.67 -36.14
C TRP F 194 15.90 2.44 -36.65
N SER F 196 19.85 0.97 -36.00
CA SER F 196 20.66 0.00 -35.27
C SER F 196 21.67 0.74 -34.44
N ALA F 197 22.38 0.00 -33.60
CA ALA F 197 23.45 0.58 -32.82
C ALA F 197 24.56 1.00 -33.76
N GLN F 198 24.79 0.23 -34.82
CA GLN F 198 25.78 0.59 -35.84
C GLN F 198 25.39 1.90 -36.52
N GLU F 199 24.13 2.01 -36.93
CA GLU F 199 23.64 3.23 -37.56
C GLU F 199 23.72 4.44 -36.62
N THR F 200 23.39 4.22 -35.34
CA THR F 200 23.43 5.27 -34.33
C THR F 200 24.86 5.75 -34.07
N LEU F 201 25.82 4.82 -34.18
CA LEU F 201 27.25 5.13 -34.05
C LEU F 201 27.75 5.98 -35.22
N GLU F 202 27.36 5.59 -36.44
CA GLU F 202 27.80 6.29 -37.63
C GLU F 202 27.18 7.68 -37.71
N TYR F 203 26.02 7.83 -37.07
CA TYR F 203 25.29 9.10 -37.06
C TYR F 203 25.89 10.06 -36.04
N GLY F 204 26.47 9.52 -34.97
CA GLY F 204 27.14 10.33 -33.96
C GLY F 204 26.44 10.50 -32.61
N PHE F 205 25.30 9.84 -32.41
CA PHE F 205 24.56 9.97 -31.14
C PHE F 205 25.24 9.23 -29.99
N ILE F 206 26.10 8.28 -30.32
CA ILE F 206 26.87 7.57 -29.31
C ILE F 206 28.35 7.42 -29.71
N ASP F 207 29.15 6.87 -28.79
CA ASP F 207 30.61 6.78 -28.93
C ASP F 207 31.20 5.37 -29.00
N GLU F 208 30.55 4.40 -28.35
CA GLU F 208 30.92 3.00 -28.52
C GLU F 208 29.71 2.09 -28.26
N ILE F 209 29.65 1.00 -29.01
CA ILE F 209 28.70 -0.08 -28.79
C ILE F 209 29.33 -1.07 -27.81
N ALA F 211 30.35 -4.41 -25.73
CA ALA F 211 30.86 -5.70 -26.21
C ALA F 211 29.92 -6.86 -25.90
N ASN F 212 30.00 -7.89 -26.75
CA ASN F 212 29.48 -9.24 -26.48
C ASN F 212 30.66 -10.04 -25.93
N ASN F 213 30.89 -9.91 -24.62
CA ASN F 213 32.03 -10.56 -23.93
C ASN F 213 31.85 -12.07 -23.74
N SER F 214 30.82 -12.66 -24.36
CA SER F 214 30.59 -14.11 -24.33
C SER F 214 31.39 -14.85 -25.43
N LEU F 215 31.69 -14.14 -26.50
CA LEU F 215 32.60 -14.64 -27.53
C LEU F 215 34.04 -14.31 -27.13
N ILE G 22 11.08 5.64 -5.72
CA ILE G 22 11.50 5.89 -4.32
C ILE G 22 12.84 5.21 -4.04
N PRO G 23 13.91 5.61 -4.71
CA PRO G 23 15.25 5.09 -4.35
C PRO G 23 15.67 5.57 -2.96
N VAL G 24 16.60 4.82 -2.35
CA VAL G 24 16.89 4.89 -0.93
C VAL G 24 18.40 5.08 -0.69
N VAL G 25 18.74 6.01 0.21
CA VAL G 25 20.12 6.34 0.59
C VAL G 25 20.41 5.95 2.05
N ILE G 26 21.45 5.14 2.28
CA ILE G 26 21.85 4.71 3.63
C ILE G 26 23.05 5.50 4.15
N GLU G 27 22.94 6.00 5.39
CA GLU G 27 24.09 6.56 6.12
C GLU G 27 24.54 5.58 7.25
N GLN G 28 25.84 5.59 7.54
CA GLN G 28 26.45 4.68 8.52
C GLN G 28 27.06 5.44 9.71
N THR G 29 27.17 4.77 10.87
CA THR G 29 27.84 5.35 12.06
C THR G 29 28.94 4.43 12.60
N GLU G 33 23.39 2.72 10.63
CA GLU G 33 22.48 2.14 9.64
C GLU G 33 21.05 2.70 9.75
N ARG G 34 20.80 3.83 9.08
CA ARG G 34 19.44 4.40 8.93
C ARG G 34 19.20 4.79 7.47
N SER G 35 17.92 4.87 7.08
CA SER G 35 17.58 4.78 5.66
C SER G 35 16.56 5.83 5.15
N TYR G 36 17.07 6.89 4.48
CA TYR G 36 16.21 7.88 3.82
C TYR G 36 15.78 7.42 2.41
N ASP G 37 14.67 7.97 1.92
CA ASP G 37 14.40 8.03 0.47
C ASP G 37 15.11 9.24 -0.14
N ILE G 38 15.16 9.35 -1.47
CA ILE G 38 16.05 10.33 -2.10
C ILE G 38 15.60 11.77 -1.87
N TYR G 39 14.30 12.00 -1.92
CA TYR G 39 13.78 13.32 -1.65
C TYR G 39 14.10 13.75 -0.21
N SER G 40 14.06 12.77 0.71
CA SER G 40 14.33 13.07 2.10
C SER G 40 15.82 13.36 2.36
N ARG G 41 16.69 12.69 1.60
CA ARG G 41 18.12 12.90 1.74
C ARG G 41 18.51 14.31 1.22
N LEU G 42 17.85 14.76 0.15
CA LEU G 42 17.99 16.13 -0.33
C LEU G 42 17.52 17.16 0.71
N LEU G 43 16.44 16.82 1.43
CA LEU G 43 15.86 17.70 2.46
C LEU G 43 16.83 17.91 3.61
N LYS G 44 17.70 16.92 3.83
CA LYS G 44 18.76 17.07 4.81
C LYS G 44 19.71 18.19 4.34
N ASP G 45 19.93 18.31 3.04
CA ASP G 45 20.67 19.45 2.47
C ASP G 45 19.82 20.70 2.14
N ARG G 46 18.63 20.79 2.70
CA ARG G 46 17.76 21.96 2.58
C ARG G 46 17.14 22.18 1.18
N ILE G 47 17.05 21.12 0.39
CA ILE G 47 16.40 21.15 -0.91
C ILE G 47 14.95 20.68 -0.81
N ILE G 48 14.02 21.37 -1.45
CA ILE G 48 12.62 20.96 -1.54
C ILE G 48 12.15 20.87 -3.00
N LEU G 50 9.07 20.94 -5.24
CA LEU G 50 7.70 21.27 -5.58
C LEU G 50 7.45 20.79 -7.00
N THR G 51 6.76 19.67 -7.14
CA THR G 51 6.55 18.98 -8.41
C THR G 51 5.09 18.45 -8.59
N GLY G 52 4.61 18.46 -9.83
CA GLY G 52 3.26 18.06 -10.18
C GLY G 52 2.26 19.20 -10.03
N PRO G 53 0.98 18.90 -10.22
CA PRO G 53 -0.06 19.91 -9.99
C PRO G 53 -0.05 20.41 -8.54
N VAL G 54 -0.24 21.71 -8.39
CA VAL G 54 -0.42 22.35 -7.11
C VAL G 54 -1.79 22.00 -6.56
N GLU G 55 -1.84 21.17 -5.53
CA GLU G 55 -3.07 20.92 -4.77
C GLU G 55 -2.77 20.98 -3.26
N ASP G 56 -3.80 20.92 -2.42
CA ASP G 56 -3.66 21.06 -0.96
C ASP G 56 -2.67 20.10 -0.34
N ASN G 57 -2.68 18.85 -0.80
CA ASN G 57 -1.93 17.80 -0.14
C ASN G 57 -0.44 17.93 -0.36
N ALA G 59 0.97 20.68 -1.24
CA ALA G 59 1.27 22.04 -0.75
C ALA G 59 1.50 22.01 0.74
N ASN G 60 0.81 21.12 1.42
CA ASN G 60 1.04 20.97 2.83
C ASN G 60 2.38 20.36 3.09
N SER G 61 2.74 19.36 2.30
CA SER G 61 4.04 18.70 2.45
C SER G 61 5.14 19.75 2.29
N VAL G 62 4.97 20.65 1.34
CA VAL G 62 5.98 21.65 1.03
C VAL G 62 6.03 22.68 2.17
N ILE G 63 4.87 22.98 2.72
CA ILE G 63 4.78 23.98 3.76
C ILE G 63 5.39 23.45 5.05
N ALA G 64 5.15 22.18 5.37
CA ALA G 64 5.74 21.55 6.52
C ALA G 64 7.25 21.50 6.35
N GLN G 65 7.71 21.16 5.14
CA GLN G 65 9.14 21.14 4.87
C GLN G 65 9.78 22.51 5.11
N LEU G 66 9.13 23.56 4.62
CA LEU G 66 9.59 24.95 4.78
C LEU G 66 9.67 25.36 6.24
N LEU G 67 8.59 25.15 6.98
CA LEU G 67 8.55 25.47 8.42
C LEU G 67 9.63 24.68 9.15
N PHE G 68 9.87 23.44 8.73
CA PHE G 68 10.81 22.59 9.45
C PHE G 68 12.24 23.06 9.26
N LEU G 69 12.60 23.48 8.05
CA LEU G 69 13.98 23.86 7.74
C LEU G 69 14.31 25.18 8.42
N ASP G 70 13.35 26.10 8.42
CA ASP G 70 13.52 27.43 8.96
C ASP G 70 13.79 27.36 10.45
N ALA G 71 13.07 26.46 11.13
CA ALA G 71 13.20 26.30 12.57
C ALA G 71 14.52 25.63 12.89
N GLN G 72 14.89 24.66 12.08
CA GLN G 72 16.18 23.98 12.21
C GLN G 72 17.34 24.94 12.10
N ASP G 73 17.24 25.93 11.21
CA ASP G 73 18.33 26.88 10.99
C ASP G 73 17.87 27.97 10.04
N SER G 74 17.51 29.13 10.59
CA SER G 74 16.93 30.20 9.78
C SER G 74 17.97 30.99 8.98
N THR G 75 19.26 30.75 9.21
CA THR G 75 20.33 31.48 8.51
C THR G 75 20.63 30.91 7.12
N LYS G 76 20.65 29.58 6.99
CA LYS G 76 20.94 28.92 5.73
C LYS G 76 19.74 29.01 4.81
N ASP G 77 20.01 29.01 3.51
CA ASP G 77 18.99 29.10 2.46
C ASP G 77 18.24 27.78 2.22
N ILE G 78 17.07 27.90 1.59
CA ILE G 78 16.27 26.77 1.19
C ILE G 78 16.22 26.81 -0.33
N TYR G 79 16.32 25.65 -0.97
CA TYR G 79 16.34 25.57 -2.42
C TYR G 79 15.10 24.84 -2.90
N LEU G 80 14.16 25.59 -3.47
CA LEU G 80 12.87 25.06 -3.88
C LEU G 80 12.90 24.85 -5.37
N TYR G 81 12.95 23.61 -5.83
CA TYR G 81 12.89 23.32 -7.26
C TYR G 81 11.44 23.16 -7.66
N VAL G 82 11.03 23.88 -8.70
CA VAL G 82 9.65 24.01 -9.12
C VAL G 82 9.49 23.48 -10.53
N ASN G 83 8.71 22.43 -10.68
CA ASN G 83 8.36 21.88 -11.99
C ASN G 83 6.88 21.57 -11.90
N THR G 84 6.06 22.52 -12.34
CA THR G 84 4.63 22.40 -12.13
C THR G 84 3.78 23.07 -13.22
N PRO G 85 2.69 22.38 -13.62
CA PRO G 85 1.65 22.98 -14.50
C PRO G 85 0.70 24.02 -13.86
N GLY G 86 0.80 24.25 -12.56
CA GLY G 86 -0.10 25.15 -11.87
C GLY G 86 -1.08 24.32 -11.08
N GLY G 87 -2.19 24.94 -10.68
CA GLY G 87 -3.20 24.25 -9.90
C GLY G 87 -3.94 25.24 -9.00
N SER G 88 -4.37 24.78 -7.82
CA SER G 88 -5.24 25.62 -6.98
C SER G 88 -4.55 26.90 -6.52
N VAL G 89 -5.28 28.00 -6.68
CA VAL G 89 -4.79 29.32 -6.28
C VAL G 89 -4.63 29.32 -4.77
N SER G 90 -5.70 28.98 -4.08
CA SER G 90 -5.67 28.79 -2.63
C SER G 90 -4.38 28.11 -2.12
N ALA G 91 -4.09 26.91 -2.60
CA ALA G 91 -2.94 26.15 -2.11
C ALA G 91 -1.59 26.79 -2.48
N GLY G 92 -1.49 27.33 -3.69
CA GLY G 92 -0.29 28.04 -4.11
C GLY G 92 0.04 29.24 -3.22
N LEU G 93 -1.00 29.96 -2.81
CA LEU G 93 -0.82 31.21 -2.09
C LEU G 93 -0.40 30.94 -0.64
N ALA G 94 -0.87 29.81 -0.11
CA ALA G 94 -0.41 29.28 1.17
C ALA G 94 1.07 28.94 1.10
N ILE G 95 1.53 28.43 -0.03
CA ILE G 95 2.96 28.19 -0.22
C ILE G 95 3.71 29.54 -0.27
N VAL G 96 3.18 30.51 -1.00
CA VAL G 96 3.86 31.78 -1.16
C VAL G 96 3.99 32.44 0.21
N ASP G 97 2.89 32.44 0.97
CA ASP G 97 2.84 33.15 2.24
C ASP G 97 3.77 32.52 3.25
N THR G 98 3.98 31.20 3.13
CA THR G 98 4.90 30.47 3.98
C THR G 98 6.34 30.83 3.59
N ASN G 100 7.26 33.56 2.36
CA ASN G 100 7.47 34.96 2.70
C ASN G 100 7.51 35.19 4.22
N PHE G 101 6.90 34.28 4.99
CA PHE G 101 6.80 34.42 6.44
C PHE G 101 8.09 33.97 7.08
N ILE G 102 8.48 32.71 6.84
CA ILE G 102 9.71 32.18 7.42
C ILE G 102 10.90 33.09 7.12
N LYS G 103 11.90 33.05 7.98
CA LYS G 103 13.04 33.95 7.84
C LYS G 103 13.97 33.52 6.69
N ALA G 104 14.27 32.22 6.60
CA ALA G 104 15.26 31.74 5.63
C ALA G 104 14.85 32.09 4.20
N ASP G 105 15.75 32.76 3.48
CA ASP G 105 15.62 32.98 2.04
C ASP G 105 15.36 31.69 1.27
N VAL G 106 14.38 31.74 0.37
CA VAL G 106 13.97 30.60 -0.43
C VAL G 106 14.41 30.90 -1.85
N GLN G 107 15.43 30.21 -2.31
CA GLN G 107 15.77 30.24 -3.72
C GLN G 107 14.77 29.37 -4.48
N THR G 108 14.50 29.71 -5.72
CA THR G 108 13.65 28.90 -6.54
C THR G 108 14.37 28.59 -7.82
N ILE G 109 14.27 27.34 -8.25
CA ILE G 109 14.87 26.87 -9.48
C ILE G 109 13.76 26.23 -10.33
N VAL G 110 13.45 26.88 -11.45
CA VAL G 110 12.42 26.39 -12.35
C VAL G 110 13.08 25.40 -13.32
N GLY G 112 11.99 22.23 -16.21
CA GLY G 112 10.88 21.73 -17.00
C GLY G 112 9.94 22.85 -17.40
N ALA G 114 7.05 26.07 -15.57
CA ALA G 114 6.34 26.73 -14.50
C ALA G 114 5.16 27.45 -15.15
N ALA G 115 3.96 26.92 -14.94
CA ALA G 115 2.76 27.56 -15.46
C ALA G 115 1.86 27.99 -14.32
N SER G 116 1.10 29.04 -14.57
CA SER G 116 0.14 29.59 -13.63
C SER G 116 0.71 29.77 -12.20
N GLY G 118 2.53 28.10 -10.59
CA GLY G 118 3.97 27.83 -10.66
C GLY G 118 4.79 29.10 -10.66
N THR G 119 4.39 30.07 -11.48
CA THR G 119 5.13 31.33 -11.69
C THR G 119 4.94 32.32 -10.56
N VAL G 120 3.74 32.36 -10.01
CA VAL G 120 3.47 33.09 -8.77
C VAL G 120 4.45 32.60 -7.67
N ILE G 121 4.61 31.29 -7.57
CA ILE G 121 5.47 30.66 -6.55
C ILE G 121 6.97 30.89 -6.79
N ALA G 122 7.44 30.59 -7.99
CA ALA G 122 8.86 30.67 -8.30
C ALA G 122 9.34 32.13 -8.28
N SER G 123 8.51 33.03 -8.77
CA SER G 123 8.89 34.42 -8.89
C SER G 123 8.91 35.13 -7.54
N SER G 124 8.15 34.61 -6.57
CA SER G 124 8.16 35.10 -5.17
C SER G 124 9.37 34.59 -4.36
N GLY G 125 10.33 33.96 -5.04
CA GLY G 125 11.55 33.50 -4.41
C GLY G 125 12.39 34.70 -4.08
N ALA G 126 13.31 34.55 -3.14
CA ALA G 126 14.13 35.67 -2.68
C ALA G 126 14.87 36.29 -3.85
N LYS G 127 14.68 37.59 -4.06
CA LYS G 127 15.26 38.29 -5.20
C LYS G 127 16.80 38.19 -5.20
N GLY G 128 17.38 38.08 -6.38
CA GLY G 128 18.77 37.68 -6.51
C GLY G 128 19.01 36.18 -6.63
N LYS G 129 18.00 35.38 -6.29
CA LYS G 129 18.15 33.94 -6.12
C LYS G 129 17.00 33.15 -6.77
N ARG G 130 16.55 33.62 -7.94
CA ARG G 130 15.51 32.94 -8.74
C ARG G 130 16.15 32.46 -10.03
N PHE G 131 16.29 31.15 -10.16
CA PHE G 131 17.02 30.53 -11.25
C PHE G 131 16.08 29.78 -12.17
N LEU G 133 16.37 26.76 -15.58
CA LEU G 133 17.23 25.96 -16.45
C LEU G 133 17.04 26.46 -17.87
N PRO G 134 18.07 26.31 -18.72
CA PRO G 134 18.03 26.91 -20.06
C PRO G 134 16.79 26.55 -20.87
N ASN G 135 16.33 25.31 -20.78
CA ASN G 135 15.23 24.84 -21.63
C ASN G 135 13.87 24.80 -20.97
N ALA G 136 13.76 25.37 -19.78
CA ALA G 136 12.46 25.43 -19.11
C ALA G 136 11.58 26.44 -19.82
N GLU G 137 10.27 26.32 -19.64
CA GLU G 137 9.31 27.29 -20.16
C GLU G 137 8.43 27.86 -19.04
N TYR G 138 7.90 29.06 -19.29
CA TYR G 138 7.17 29.90 -18.32
C TYR G 138 5.81 30.34 -18.90
N ILE G 140 2.48 32.87 -17.48
CA ILE G 140 1.88 33.65 -16.42
C ILE G 140 0.37 33.79 -16.56
N HIS G 141 -0.18 33.32 -17.66
CA HIS G 141 -1.63 33.20 -17.75
C HIS G 141 -2.14 32.52 -16.49
N GLN G 142 -3.25 33.02 -15.94
CA GLN G 142 -3.86 32.44 -14.74
C GLN G 142 -5.31 32.03 -15.03
N PRO G 143 -5.54 30.73 -15.25
CA PRO G 143 -6.90 30.24 -15.53
C PRO G 143 -7.71 30.15 -14.24
N ILE G 158 -18.23 29.00 -7.69
CA ILE G 158 -17.96 30.26 -6.98
C ILE G 158 -18.27 31.48 -7.87
N ALA G 159 -18.40 32.66 -7.25
CA ALA G 159 -18.90 33.86 -7.93
C ALA G 159 -17.85 34.54 -8.82
N PRO G 160 -18.28 35.25 -9.86
CA PRO G 160 -17.34 35.87 -10.80
C PRO G 160 -16.53 37.05 -10.25
N GLU G 161 -17.08 37.80 -9.30
CA GLU G 161 -16.35 38.95 -8.76
C GLU G 161 -15.28 38.51 -7.78
N HIS G 162 -15.38 37.29 -7.28
CA HIS G 162 -14.31 36.70 -6.49
C HIS G 162 -13.14 36.33 -7.39
N LEU G 163 -13.45 35.63 -8.48
CA LEU G 163 -12.45 35.27 -9.49
C LEU G 163 -11.64 36.46 -9.98
N LEU G 164 -12.29 37.60 -10.18
CA LEU G 164 -11.63 38.85 -10.55
C LEU G 164 -10.65 39.35 -9.49
N LYS G 165 -11.10 39.43 -8.24
CA LYS G 165 -10.26 39.93 -7.16
C LYS G 165 -9.00 39.10 -7.10
N THR G 166 -9.16 37.78 -7.04
CA THR G 166 -8.05 36.85 -6.96
C THR G 166 -7.12 36.97 -8.16
N ARG G 167 -7.68 37.16 -9.35
CA ARG G 167 -6.83 37.26 -10.54
C ARG G 167 -6.00 38.54 -10.56
N ASN G 168 -6.57 39.64 -10.06
CA ASN G 168 -5.84 40.89 -9.91
C ASN G 168 -4.73 40.73 -8.88
N THR G 169 -5.05 40.08 -7.76
CA THR G 169 -4.08 39.74 -6.70
C THR G 169 -2.88 38.92 -7.22
N LEU G 170 -3.13 37.96 -8.13
CA LEU G 170 -2.05 37.11 -8.62
C LEU G 170 -1.17 37.92 -9.58
N GLU G 171 -1.81 38.75 -10.40
CA GLU G 171 -1.12 39.70 -11.28
C GLU G 171 -0.37 40.79 -10.50
N LYS G 172 -0.87 41.10 -9.32
CA LYS G 172 -0.37 42.20 -8.53
C LYS G 172 0.92 41.70 -7.90
N ILE G 173 0.94 40.42 -7.52
CA ILE G 173 2.13 39.78 -7.00
C ILE G 173 3.12 39.58 -8.13
N LEU G 174 2.60 39.15 -9.27
CA LEU G 174 3.48 38.90 -10.40
C LEU G 174 4.21 40.20 -10.74
N ALA G 175 3.47 41.31 -10.78
CA ALA G 175 4.04 42.60 -11.15
C ALA G 175 5.09 43.08 -10.15
N GLU G 176 4.81 42.92 -8.86
CA GLU G 176 5.76 43.26 -7.79
C GLU G 176 7.03 42.44 -7.92
N ASN G 177 6.85 41.14 -8.18
CA ASN G 177 7.96 40.21 -8.30
C ASN G 177 8.93 40.56 -9.42
N SER G 178 8.38 41.01 -10.55
CA SER G 178 9.15 41.22 -11.78
C SER G 178 9.66 42.65 -11.97
N GLY G 179 9.07 43.60 -11.27
CA GLY G 179 9.40 45.00 -11.43
C GLY G 179 8.58 45.70 -12.51
N GLN G 180 7.53 45.04 -12.99
CA GLN G 180 6.71 45.57 -14.08
C GLN G 180 5.43 46.19 -13.53
N SER G 181 4.79 47.00 -14.36
CA SER G 181 3.52 47.57 -13.98
C SER G 181 2.46 46.50 -14.09
N GLU G 183 -0.65 46.83 -15.39
CA GLU G 183 -1.30 46.89 -16.69
C GLU G 183 -0.55 45.99 -17.67
N LYS G 184 0.78 46.13 -17.66
CA LYS G 184 1.67 45.33 -18.50
C LYS G 184 1.38 43.86 -18.28
N VAL G 185 1.50 43.43 -17.04
CA VAL G 185 1.27 42.04 -16.65
C VAL G 185 -0.10 41.54 -17.05
N HIS G 186 -1.12 42.39 -16.94
CA HIS G 186 -2.49 41.96 -17.19
C HIS G 186 -2.77 41.63 -18.66
N ALA G 187 -2.12 42.35 -19.58
CA ALA G 187 -2.31 42.13 -21.02
C ALA G 187 -1.47 40.94 -21.53
N ASP G 188 -0.36 40.65 -20.87
CA ASP G 188 0.55 39.58 -21.28
C ASP G 188 0.15 38.26 -20.63
N ALA G 189 -0.61 38.35 -19.54
CA ALA G 189 -1.20 37.18 -18.88
C ALA G 189 -2.51 36.81 -19.54
N GLU G 190 -3.03 37.70 -20.39
CA GLU G 190 -4.24 37.42 -21.18
C GLU G 190 -3.93 36.78 -22.53
N ARG G 191 -2.73 36.19 -22.66
CA ARG G 191 -2.45 35.33 -23.81
C ARG G 191 -1.81 34.04 -23.31
N ASP G 192 -1.80 33.03 -24.19
CA ASP G 192 -1.16 31.73 -23.90
C ASP G 192 0.27 31.78 -24.46
N ASN G 193 1.05 32.70 -23.89
CA ASN G 193 2.42 32.92 -24.28
C ASN G 193 3.33 32.06 -23.42
N TRP G 194 4.00 31.10 -24.04
CA TRP G 194 5.09 30.39 -23.37
C TRP G 194 6.33 31.24 -23.48
N SER G 196 10.51 31.72 -22.94
CA SER G 196 11.81 31.05 -22.78
C SER G 196 12.47 31.56 -21.50
N ALA G 197 13.57 30.93 -21.12
CA ALA G 197 14.29 31.40 -19.97
C ALA G 197 14.80 32.83 -20.25
N GLN G 198 15.37 33.03 -21.44
CA GLN G 198 15.84 34.33 -21.86
C GLN G 198 14.76 35.41 -21.74
N GLU G 199 13.55 35.11 -22.21
CA GLU G 199 12.41 36.04 -22.07
C GLU G 199 11.97 36.25 -20.61
N THR G 200 12.17 35.22 -19.79
CA THR G 200 11.76 35.24 -18.39
C THR G 200 12.70 36.12 -17.58
N LEU G 201 13.97 36.14 -17.97
CA LEU G 201 14.99 37.00 -17.36
C LEU G 201 14.80 38.45 -17.74
N GLU G 202 14.52 38.68 -19.01
CA GLU G 202 14.19 40.00 -19.54
C GLU G 202 13.05 40.62 -18.74
N TYR G 203 11.95 39.87 -18.67
CA TYR G 203 10.70 40.32 -18.10
C TYR G 203 10.77 40.56 -16.59
N GLY G 204 11.66 39.84 -15.90
CA GLY G 204 11.94 40.07 -14.49
C GLY G 204 11.55 39.00 -13.48
N PHE G 205 11.00 37.87 -13.95
CA PHE G 205 10.54 36.78 -13.08
C PHE G 205 11.68 35.91 -12.52
N ILE G 206 12.84 35.91 -13.18
CA ILE G 206 14.03 35.26 -12.66
C ILE G 206 15.20 36.20 -12.66
N ASP G 207 16.20 35.85 -11.87
CA ASP G 207 17.46 36.60 -11.84
C ASP G 207 18.54 36.03 -12.74
N GLU G 208 18.52 34.72 -13.00
CA GLU G 208 19.63 34.09 -13.67
C GLU G 208 19.29 32.78 -14.39
N ILE G 209 19.64 32.71 -15.67
CA ILE G 209 19.61 31.45 -16.38
C ILE G 209 20.80 30.60 -15.93
N ALA G 211 23.56 27.47 -16.15
CA ALA G 211 24.50 27.17 -17.21
C ALA G 211 24.43 25.72 -17.67
N ASN G 212 25.01 25.50 -18.86
CA ASN G 212 25.29 24.19 -19.44
C ASN G 212 26.79 23.97 -19.40
N ASN G 213 27.23 22.95 -18.65
CA ASN G 213 28.66 22.62 -18.49
C ASN G 213 29.03 21.37 -19.30
N SER G 214 29.96 21.52 -20.24
CA SER G 214 30.24 20.48 -21.23
C SER G 214 31.49 20.78 -22.11
#